data_152D
# 
_entry.id   152D 
# 
_audit_conform.dict_name       mmcif_pdbx.dic 
_audit_conform.dict_version    5.385 
_audit_conform.dict_location   http://mmcif.pdb.org/dictionaries/ascii/mmcif_pdbx.dic 
# 
loop_
_database_2.database_id 
_database_2.database_code 
_database_2.pdbx_database_accession 
_database_2.pdbx_DOI 
PDB   152D         pdb_0000152d 10.2210/pdb152d/pdb 
RCSB  DDF045       ?            ?                   
WWPDB D_1000170120 ?            ?                   
# 
loop_
_pdbx_audit_revision_history.ordinal 
_pdbx_audit_revision_history.data_content_type 
_pdbx_audit_revision_history.major_revision 
_pdbx_audit_revision_history.minor_revision 
_pdbx_audit_revision_history.revision_date 
1 'Structure model' 1 0 1994-05-04 
2 'Structure model' 1 1 2008-05-22 
3 'Structure model' 1 2 2011-07-13 
4 'Structure model' 1 3 2024-02-07 
# 
_pdbx_audit_revision_details.ordinal             1 
_pdbx_audit_revision_details.revision_ordinal    1 
_pdbx_audit_revision_details.data_content_type   'Structure model' 
_pdbx_audit_revision_details.provider            repository 
_pdbx_audit_revision_details.type                'Initial release' 
_pdbx_audit_revision_details.description         ? 
_pdbx_audit_revision_details.details             ? 
# 
loop_
_pdbx_audit_revision_group.ordinal 
_pdbx_audit_revision_group.revision_ordinal 
_pdbx_audit_revision_group.data_content_type 
_pdbx_audit_revision_group.group 
1 2 'Structure model' 'Version format compliance' 
2 3 'Structure model' 'Version format compliance' 
3 4 'Structure model' 'Data collection'           
4 4 'Structure model' 'Database references'       
5 4 'Structure model' 'Derived calculations'      
# 
loop_
_pdbx_audit_revision_category.ordinal 
_pdbx_audit_revision_category.revision_ordinal 
_pdbx_audit_revision_category.data_content_type 
_pdbx_audit_revision_category.category 
1 4 'Structure model' chem_comp_atom 
2 4 'Structure model' chem_comp_bond 
3 4 'Structure model' database_2     
4 4 'Structure model' struct_site    
# 
loop_
_pdbx_audit_revision_item.ordinal 
_pdbx_audit_revision_item.revision_ordinal 
_pdbx_audit_revision_item.data_content_type 
_pdbx_audit_revision_item.item 
1 4 'Structure model' '_database_2.pdbx_DOI'                
2 4 'Structure model' '_database_2.pdbx_database_accession' 
3 4 'Structure model' '_struct_site.pdbx_auth_asym_id'      
4 4 'Structure model' '_struct_site.pdbx_auth_comp_id'      
5 4 'Structure model' '_struct_site.pdbx_auth_seq_id'       
# 
_pdbx_database_status.status_code                     REL 
_pdbx_database_status.entry_id                        152D 
_pdbx_database_status.recvd_initial_deposition_date   1993-12-13 
_pdbx_database_status.deposit_site                    BNL 
_pdbx_database_status.process_site                    NDB 
_pdbx_database_status.SG_entry                        . 
_pdbx_database_status.pdb_format_compatible           Y 
_pdbx_database_status.status_code_mr                  ? 
_pdbx_database_status.status_code_sf                  ? 
_pdbx_database_status.status_code_cs                  ? 
_pdbx_database_status.status_code_nmr_data            ? 
_pdbx_database_status.methods_development_category    ? 
# 
loop_
_audit_author.name 
_audit_author.pdbx_ordinal 
'Lipscomb, L.A.' 1 
'Peek, M.E.'     2 
'Zhou, F.X.'     3 
'Bertrand, J.A.' 4 
'VanDerveer, D.' 5 
'Williams, L.D.' 6 
# 
_citation.id                        primary 
_citation.title                     
'Water ring structure at DNA interfaces: hydration and dynamics of DNA-anthracycline complexes.' 
_citation.journal_abbrev            Biochemistry 
_citation.journal_volume            33 
_citation.page_first                3649 
_citation.page_last                 3659 
_citation.year                      1994 
_citation.journal_id_ASTM           BICHAW 
_citation.country                   US 
_citation.journal_id_ISSN           0006-2960 
_citation.journal_id_CSD            0033 
_citation.book_publisher            ? 
_citation.pdbx_database_id_PubMed   8142363 
_citation.pdbx_database_id_DOI      10.1021/bi00178a023 
# 
loop_
_citation_author.citation_id 
_citation_author.name 
_citation_author.ordinal 
_citation_author.identifier_ORCID 
primary 'Lipscomb, L.A.' 1 ? 
primary 'Peek, M.E.'     2 ? 
primary 'Zhou, F.X.'     3 ? 
primary 'Bertrand, J.A.' 4 ? 
primary 'VanDerveer, D.' 5 ? 
primary 'Williams, L.D.' 6 ? 
# 
loop_
_entity.id 
_entity.type 
_entity.src_method 
_entity.pdbx_description 
_entity.formula_weight 
_entity.pdbx_number_of_molecules 
_entity.pdbx_ec 
_entity.pdbx_mutation 
_entity.pdbx_fragment 
_entity.details 
1 polymer     syn 
;DNA (5'-D(*CP*GP*AP*TP*CP*G)-3')
;
1809.217 1  ? ? ? ? 
2 non-polymer syn DAUNOMYCIN                         527.520  1  ? ? ? ? 
3 water       nat water                              18.015   54 ? ? ? ? 
# 
_entity_poly.entity_id                      1 
_entity_poly.type                           polydeoxyribonucleotide 
_entity_poly.nstd_linkage                   no 
_entity_poly.nstd_monomer                   no 
_entity_poly.pdbx_seq_one_letter_code       '(DC)(DG)(DA)(DT)(DC)(DG)' 
_entity_poly.pdbx_seq_one_letter_code_can   CGATCG 
_entity_poly.pdbx_strand_id                 A 
_entity_poly.pdbx_target_identifier         ? 
# 
loop_
_pdbx_entity_nonpoly.entity_id 
_pdbx_entity_nonpoly.name 
_pdbx_entity_nonpoly.comp_id 
2 DAUNOMYCIN DM1 
3 water      HOH 
# 
loop_
_entity_poly_seq.entity_id 
_entity_poly_seq.num 
_entity_poly_seq.mon_id 
_entity_poly_seq.hetero 
1 1 DC n 
1 2 DG n 
1 3 DA n 
1 4 DT n 
1 5 DC n 
1 6 DG n 
# 
loop_
_chem_comp.id 
_chem_comp.type 
_chem_comp.mon_nstd_flag 
_chem_comp.name 
_chem_comp.pdbx_synonyms 
_chem_comp.formula 
_chem_comp.formula_weight 
DA  'DNA linking' y "2'-DEOXYADENOSINE-5'-MONOPHOSPHATE" ?            'C10 H14 N5 O6 P' 331.222 
DC  'DNA linking' y "2'-DEOXYCYTIDINE-5'-MONOPHOSPHATE"  ?            'C9 H14 N3 O7 P'  307.197 
DG  'DNA linking' y "2'-DEOXYGUANOSINE-5'-MONOPHOSPHATE" ?            'C10 H14 N5 O7 P' 347.221 
DM1 non-polymer   . DAUNOMYCIN                           DAUNORUBICIN 'C27 H29 N O10'   527.520 
DT  'DNA linking' y "THYMIDINE-5'-MONOPHOSPHATE"         ?            'C10 H15 N2 O8 P' 322.208 
HOH non-polymer   . WATER                                ?            'H2 O'            18.015  
# 
loop_
_pdbx_poly_seq_scheme.asym_id 
_pdbx_poly_seq_scheme.entity_id 
_pdbx_poly_seq_scheme.seq_id 
_pdbx_poly_seq_scheme.mon_id 
_pdbx_poly_seq_scheme.ndb_seq_num 
_pdbx_poly_seq_scheme.pdb_seq_num 
_pdbx_poly_seq_scheme.auth_seq_num 
_pdbx_poly_seq_scheme.pdb_mon_id 
_pdbx_poly_seq_scheme.auth_mon_id 
_pdbx_poly_seq_scheme.pdb_strand_id 
_pdbx_poly_seq_scheme.pdb_ins_code 
_pdbx_poly_seq_scheme.hetero 
A 1 1 DC 1 1 1 DC C A . n 
A 1 2 DG 2 2 2 DG G A . n 
A 1 3 DA 3 3 3 DA A A . n 
A 1 4 DT 4 4 4 DT T A . n 
A 1 5 DC 5 5 5 DC C A . n 
A 1 6 DG 6 6 6 DG G A . n 
# 
loop_
_pdbx_nonpoly_scheme.asym_id 
_pdbx_nonpoly_scheme.entity_id 
_pdbx_nonpoly_scheme.mon_id 
_pdbx_nonpoly_scheme.ndb_seq_num 
_pdbx_nonpoly_scheme.pdb_seq_num 
_pdbx_nonpoly_scheme.auth_seq_num 
_pdbx_nonpoly_scheme.pdb_mon_id 
_pdbx_nonpoly_scheme.auth_mon_id 
_pdbx_nonpoly_scheme.pdb_strand_id 
_pdbx_nonpoly_scheme.pdb_ins_code 
B 2 DM1 1  7  7  DM1 DM1 A . 
C 3 HOH 1  8  8  HOH HOH A . 
C 3 HOH 2  9  9  HOH HOH A . 
C 3 HOH 3  10 10 HOH HOH A . 
C 3 HOH 4  11 11 HOH HOH A . 
C 3 HOH 5  12 12 HOH HOH A . 
C 3 HOH 6  13 13 HOH HOH A . 
C 3 HOH 7  14 14 HOH HOH A . 
C 3 HOH 8  15 15 HOH HOH A . 
C 3 HOH 9  16 16 HOH HOH A . 
C 3 HOH 10 17 17 HOH HOH A . 
C 3 HOH 11 18 18 HOH HOH A . 
C 3 HOH 12 19 19 HOH HOH A . 
C 3 HOH 13 20 20 HOH HOH A . 
C 3 HOH 14 21 21 HOH HOH A . 
C 3 HOH 15 22 22 HOH HOH A . 
C 3 HOH 16 23 23 HOH HOH A . 
C 3 HOH 17 24 24 HOH HOH A . 
C 3 HOH 18 25 25 HOH HOH A . 
C 3 HOH 19 26 26 HOH HOH A . 
C 3 HOH 20 27 27 HOH HOH A . 
C 3 HOH 21 28 28 HOH HOH A . 
C 3 HOH 22 29 29 HOH HOH A . 
C 3 HOH 23 30 30 HOH HOH A . 
C 3 HOH 24 31 31 HOH HOH A . 
C 3 HOH 25 32 32 HOH HOH A . 
C 3 HOH 26 33 33 HOH HOH A . 
C 3 HOH 27 34 34 HOH HOH A . 
C 3 HOH 28 35 35 HOH HOH A . 
C 3 HOH 29 36 36 HOH HOH A . 
C 3 HOH 30 37 37 HOH HOH A . 
C 3 HOH 31 38 38 HOH HOH A . 
C 3 HOH 32 39 39 HOH HOH A . 
C 3 HOH 33 40 40 HOH HOH A . 
C 3 HOH 34 41 41 HOH HOH A . 
C 3 HOH 35 42 42 HOH HOH A . 
C 3 HOH 36 43 43 HOH HOH A . 
C 3 HOH 37 44 44 HOH HOH A . 
C 3 HOH 38 45 45 HOH HOH A . 
C 3 HOH 39 46 46 HOH HOH A . 
C 3 HOH 40 47 47 HOH HOH A . 
C 3 HOH 41 48 48 HOH HOH A . 
C 3 HOH 42 49 49 HOH HOH A . 
C 3 HOH 43 50 50 HOH HOH A . 
C 3 HOH 44 51 51 HOH HOH A . 
C 3 HOH 45 52 52 HOH HOH A . 
C 3 HOH 46 53 53 HOH HOH A . 
C 3 HOH 47 54 54 HOH HOH A . 
C 3 HOH 48 55 55 HOH HOH A . 
C 3 HOH 49 56 56 HOH HOH A . 
C 3 HOH 50 57 57 HOH HOH A . 
C 3 HOH 51 58 58 HOH HOH A . 
C 3 HOH 52 59 59 HOH HOH A . 
C 3 HOH 53 60 60 HOH HOH A . 
C 3 HOH 54 61 61 HOH HOH A . 
# 
_software.name             NUCLSQ 
_software.classification   refinement 
_software.version          . 
_software.citation_id      ? 
_software.pdbx_ordinal     1 
# 
_cell.entry_id           152D 
_cell.length_a           27.850 
_cell.length_b           27.850 
_cell.length_c           52.330 
_cell.angle_alpha        90.00 
_cell.angle_beta         90.00 
_cell.angle_gamma        90.00 
_cell.Z_PDB              8 
_cell.pdbx_unique_axis   ? 
# 
_symmetry.entry_id                         152D 
_symmetry.space_group_name_H-M             'P 41 21 2' 
_symmetry.pdbx_full_space_group_name_H-M   ? 
_symmetry.cell_setting                     ? 
_symmetry.Int_Tables_number                92 
# 
_exptl.entry_id          152D 
_exptl.method            'X-RAY DIFFRACTION' 
_exptl.crystals_number   ? 
# 
_exptl_crystal.id                    1 
_exptl_crystal.density_meas          ? 
_exptl_crystal.density_Matthews      2.80 
_exptl_crystal.density_percent_sol   56.14 
_exptl_crystal.description           ? 
# 
_exptl_crystal_grow.crystal_id      1 
_exptl_crystal_grow.method          'VAPOR DIFFUSION, SITTING DROP' 
_exptl_crystal_grow.temp            ? 
_exptl_crystal_grow.temp_details    ? 
_exptl_crystal_grow.pH              6.50 
_exptl_crystal_grow.pdbx_details    'pH 6.50, VAPOR DIFFUSION, SITTING DROP' 
_exptl_crystal_grow.pdbx_pH_range   ? 
# 
loop_
_exptl_crystal_grow_comp.crystal_id 
_exptl_crystal_grow_comp.id 
_exptl_crystal_grow_comp.sol_id 
_exptl_crystal_grow_comp.name 
_exptl_crystal_grow_comp.volume 
_exptl_crystal_grow_comp.conc 
_exptl_crystal_grow_comp.details 
1 1 1 WATER           ? ? ? 
1 2 1 MPD             ? ? ? 
1 3 1 'NA CACODYLATE' ? ? ? 
1 4 1 MGCL2           ? ? ? 
1 5 1 SPERMINE_HCL    ? ? ? 
1 6 2 WATER           ? ? ? 
1 7 2 MPD             ? ? ? 
# 
_diffrn.id                     1 
_diffrn.ambient_temp           113.00 
_diffrn.ambient_temp_details   ? 
_diffrn.crystal_id             1 
# 
_diffrn_detector.diffrn_id              1 
_diffrn_detector.detector               'AREA DETECTOR' 
_diffrn_detector.type                   SDMS 
_diffrn_detector.pdbx_collection_date   ? 
_diffrn_detector.details                ? 
# 
_diffrn_radiation.diffrn_id                        1 
_diffrn_radiation.wavelength_id                    1 
_diffrn_radiation.pdbx_monochromatic_or_laue_m_l   ? 
_diffrn_radiation.monochromator                    ? 
_diffrn_radiation.pdbx_diffrn_protocol             ? 
_diffrn_radiation.pdbx_scattering_type             x-ray 
# 
_diffrn_radiation_wavelength.id           1 
_diffrn_radiation_wavelength.wavelength   . 
_diffrn_radiation_wavelength.wt           1.0 
# 
_diffrn_source.diffrn_id                   1 
_diffrn_source.source                      'ROTATING ANODE' 
_diffrn_source.type                        'RIGAKU RU200' 
_diffrn_source.pdbx_synchrotron_site       ? 
_diffrn_source.pdbx_synchrotron_beamline   ? 
_diffrn_source.pdbx_wavelength             ? 
_diffrn_source.pdbx_wavelength_list        ? 
# 
_reflns.entry_id                     152D 
_reflns.observed_criterion_sigma_I   ? 
_reflns.observed_criterion_sigma_F   1.000 
_reflns.d_resolution_low             ? 
_reflns.d_resolution_high            1.400 
_reflns.number_obs                   3817 
_reflns.number_all                   54233 
_reflns.percent_possible_obs         ? 
_reflns.pdbx_Rmerge_I_obs            ? 
_reflns.pdbx_Rsym_value              ? 
_reflns.pdbx_netI_over_sigmaI        ? 
_reflns.B_iso_Wilson_estimate        ? 
_reflns.pdbx_redundancy              ? 
_reflns.pdbx_diffrn_id               1 
_reflns.pdbx_ordinal                 1 
# 
_refine.entry_id                                 152D 
_refine.ls_number_reflns_obs                     3817 
_refine.ls_number_reflns_all                     ? 
_refine.pdbx_ls_sigma_I                          ? 
_refine.pdbx_ls_sigma_F                          1.000 
_refine.pdbx_data_cutoff_high_absF               ? 
_refine.pdbx_data_cutoff_low_absF                ? 
_refine.pdbx_data_cutoff_high_rms_absF           ? 
_refine.ls_d_res_low                             ? 
_refine.ls_d_res_high                            1.400 
_refine.ls_percent_reflns_obs                    ? 
_refine.ls_R_factor_obs                          0.2260000 
_refine.ls_R_factor_all                          ? 
_refine.ls_R_factor_R_work                       ? 
_refine.ls_R_factor_R_free                       ? 
_refine.ls_R_factor_R_free_error                 ? 
_refine.ls_R_factor_R_free_error_details         ? 
_refine.ls_percent_reflns_R_free                 ? 
_refine.ls_number_reflns_R_free                  ? 
_refine.ls_number_parameters                     ? 
_refine.ls_number_restraints                     ? 
_refine.occupancy_min                            ? 
_refine.occupancy_max                            ? 
_refine.B_iso_mean                               ? 
_refine.aniso_B[1][1]                            ? 
_refine.aniso_B[2][2]                            ? 
_refine.aniso_B[3][3]                            ? 
_refine.aniso_B[1][2]                            ? 
_refine.aniso_B[1][3]                            ? 
_refine.aniso_B[2][3]                            ? 
_refine.solvent_model_details                    ? 
_refine.solvent_model_param_ksol                 ? 
_refine.solvent_model_param_bsol                 ? 
_refine.pdbx_ls_cross_valid_method               ? 
_refine.details                                  ? 
_refine.pdbx_starting_model                      ? 
_refine.pdbx_method_to_determine_struct          ? 
_refine.pdbx_isotropic_thermal_model             ? 
_refine.pdbx_stereochemistry_target_values       ? 
_refine.pdbx_stereochem_target_val_spec_case     ? 
_refine.pdbx_R_Free_selection_details            ? 
_refine.pdbx_overall_ESU_R                       ? 
_refine.pdbx_overall_ESU_R_Free                  ? 
_refine.overall_SU_ML                            ? 
_refine.overall_SU_B                             ? 
_refine.pdbx_refine_id                           'X-RAY DIFFRACTION' 
_refine.pdbx_diffrn_id                           1 
_refine.pdbx_TLS_residual_ADP_flag               ? 
_refine.correlation_coeff_Fo_to_Fc               ? 
_refine.correlation_coeff_Fo_to_Fc_free          ? 
_refine.pdbx_solvent_vdw_probe_radii             ? 
_refine.pdbx_solvent_ion_probe_radii             ? 
_refine.pdbx_solvent_shrinkage_radii             ? 
_refine.pdbx_overall_phase_error                 ? 
_refine.overall_SU_R_Cruickshank_DPI             ? 
_refine.pdbx_overall_SU_R_free_Cruickshank_DPI   ? 
_refine.pdbx_overall_SU_R_Blow_DPI               ? 
_refine.pdbx_overall_SU_R_free_Blow_DPI          ? 
# 
_refine_hist.pdbx_refine_id                   'X-RAY DIFFRACTION' 
_refine_hist.cycle_id                         LAST 
_refine_hist.pdbx_number_atoms_protein        0 
_refine_hist.pdbx_number_atoms_nucleic_acid   120 
_refine_hist.pdbx_number_atoms_ligand         38 
_refine_hist.number_atoms_solvent             54 
_refine_hist.number_atoms_total               212 
_refine_hist.d_res_high                       1.400 
_refine_hist.d_res_low                        . 
# 
loop_
_refine_ls_restr.type 
_refine_ls_restr.dev_ideal 
_refine_ls_restr.dev_ideal_target 
_refine_ls_restr.weight 
_refine_ls_restr.number 
_refine_ls_restr.pdbx_refine_id 
_refine_ls_restr.pdbx_restraint_function 
n_bond_d               ?     ? ? ? 'X-RAY DIFFRACTION' ? 
n_angle_d              ?     ? ? ? 'X-RAY DIFFRACTION' ? 
n_planar_d             ?     ? ? ? 'X-RAY DIFFRACTION' ? 
n_hb_or_metal_coord    ?     ? ? ? 'X-RAY DIFFRACTION' ? 
n_sugar_bond_it        ?     ? ? ? 'X-RAY DIFFRACTION' ? 
n_sugar_angle_it       ?     ? ? ? 'X-RAY DIFFRACTION' ? 
n_phos_bond_it         ?     ? ? ? 'X-RAY DIFFRACTION' ? 
n_phos_angle_it        ?     ? ? ? 'X-RAY DIFFRACTION' ? 
n_bond_angle_restr     ?     ? ? ? 'X-RAY DIFFRACTION' ? 
n_dihedral_angle_restr ?     ? ? ? 'X-RAY DIFFRACTION' ? 
n_impr_tor             ?     ? ? ? 'X-RAY DIFFRACTION' ? 
n_sugar_bond_d         0.027 ? ? ? 'X-RAY DIFFRACTION' ? 
n_sugar_bond_angle_d   ?     ? ? ? 'X-RAY DIFFRACTION' ? 
n_phos_bond_d          ?     ? ? ? 'X-RAY DIFFRACTION' ? 
n_phos_bond_angle_d    ?     ? ? ? 'X-RAY DIFFRACTION' ? 
n_plane_restr          ?     ? ? ? 'X-RAY DIFFRACTION' ? 
n_chiral_restr         ?     ? ? ? 'X-RAY DIFFRACTION' ? 
n_singtor_nbd          ?     ? ? ? 'X-RAY DIFFRACTION' ? 
n_multtor_nbd          ?     ? ? ? 'X-RAY DIFFRACTION' ? 
n_xhyhbond_nbd         ?     ? ? ? 'X-RAY DIFFRACTION' ? 
# 
_struct.entry_id                  152D 
_struct.title                     
'DIVERSITY OF WATER RING SIZE AT DNA INTERFACES: HYDRATION AND DYNAMICS OF DNA-ANTHRACYCLINE COMPLEXES' 
_struct.pdbx_model_details        ? 
_struct.pdbx_CASP_flag            ? 
_struct.pdbx_model_type_details   ? 
# 
_struct_keywords.entry_id        152D 
_struct_keywords.pdbx_keywords   DNA 
_struct_keywords.text            'RIGHT HANDED DNA, DOUBLE HELIX, COMPLEXED WITH DRUG, DNA' 
# 
loop_
_struct_asym.id 
_struct_asym.pdbx_blank_PDB_chainid_flag 
_struct_asym.pdbx_modified 
_struct_asym.entity_id 
_struct_asym.details 
A N N 1 ? 
B N N 2 ? 
C N N 3 ? 
# 
_struct_ref.id                         1 
_struct_ref.entity_id                  1 
_struct_ref.db_name                    PDB 
_struct_ref.db_code                    152D 
_struct_ref.pdbx_db_accession          152D 
_struct_ref.pdbx_db_isoform            ? 
_struct_ref.pdbx_seq_one_letter_code   ? 
_struct_ref.pdbx_align_begin           ? 
# 
_struct_ref_seq.align_id                      1 
_struct_ref_seq.ref_id                        1 
_struct_ref_seq.pdbx_PDB_id_code              152D 
_struct_ref_seq.pdbx_strand_id                A 
_struct_ref_seq.seq_align_beg                 1 
_struct_ref_seq.pdbx_seq_align_beg_ins_code   ? 
_struct_ref_seq.seq_align_end                 6 
_struct_ref_seq.pdbx_seq_align_end_ins_code   ? 
_struct_ref_seq.pdbx_db_accession             152D 
_struct_ref_seq.db_align_beg                  1 
_struct_ref_seq.pdbx_db_align_beg_ins_code    ? 
_struct_ref_seq.db_align_end                  6 
_struct_ref_seq.pdbx_db_align_end_ins_code    ? 
_struct_ref_seq.pdbx_auth_seq_align_beg       1 
_struct_ref_seq.pdbx_auth_seq_align_end       6 
# 
_pdbx_struct_assembly.id                   1 
_pdbx_struct_assembly.details              author_defined_assembly 
_pdbx_struct_assembly.method_details       ? 
_pdbx_struct_assembly.oligomeric_details   dimeric 
_pdbx_struct_assembly.oligomeric_count     2 
# 
_pdbx_struct_assembly_gen.assembly_id       1 
_pdbx_struct_assembly_gen.oper_expression   1,2 
_pdbx_struct_assembly_gen.asym_id_list      A,B,C 
# 
loop_
_pdbx_struct_oper_list.id 
_pdbx_struct_oper_list.type 
_pdbx_struct_oper_list.name 
_pdbx_struct_oper_list.symmetry_operation 
_pdbx_struct_oper_list.matrix[1][1] 
_pdbx_struct_oper_list.matrix[1][2] 
_pdbx_struct_oper_list.matrix[1][3] 
_pdbx_struct_oper_list.vector[1] 
_pdbx_struct_oper_list.matrix[2][1] 
_pdbx_struct_oper_list.matrix[2][2] 
_pdbx_struct_oper_list.matrix[2][3] 
_pdbx_struct_oper_list.vector[2] 
_pdbx_struct_oper_list.matrix[3][1] 
_pdbx_struct_oper_list.matrix[3][2] 
_pdbx_struct_oper_list.matrix[3][3] 
_pdbx_struct_oper_list.vector[3] 
1 'identity operation'         1_555 x,y,z            1.0000000000 0.0000000000 0.0000000000  0.0000000000 0.0000000000 1.0000000000  0.0000000000  0.0000000000  0.0000000000  0.0000000000  1.0000000000  0.0000000000  
2 'crystal symmetry operation' 8_665 -y+1,-x+1,-z+1/2 0.4156899145 0.7788431571 -0.4696863118 0.8534377333 0.7788431571 -0.5715186940 -0.2583983726 -4.2784373881 -0.4696863118 -0.2583983726 -0.8441712205 -4.5222277886 
# 
_struct_biol.id   1 
# 
loop_
_struct_conn.id 
_struct_conn.conn_type_id 
_struct_conn.pdbx_leaving_atom_flag 
_struct_conn.pdbx_PDB_id 
_struct_conn.ptnr1_label_asym_id 
_struct_conn.ptnr1_label_comp_id 
_struct_conn.ptnr1_label_seq_id 
_struct_conn.ptnr1_label_atom_id 
_struct_conn.pdbx_ptnr1_label_alt_id 
_struct_conn.pdbx_ptnr1_PDB_ins_code 
_struct_conn.pdbx_ptnr1_standard_comp_id 
_struct_conn.ptnr1_symmetry 
_struct_conn.ptnr2_label_asym_id 
_struct_conn.ptnr2_label_comp_id 
_struct_conn.ptnr2_label_seq_id 
_struct_conn.ptnr2_label_atom_id 
_struct_conn.pdbx_ptnr2_label_alt_id 
_struct_conn.pdbx_ptnr2_PDB_ins_code 
_struct_conn.ptnr1_auth_asym_id 
_struct_conn.ptnr1_auth_comp_id 
_struct_conn.ptnr1_auth_seq_id 
_struct_conn.ptnr2_auth_asym_id 
_struct_conn.ptnr2_auth_comp_id 
_struct_conn.ptnr2_auth_seq_id 
_struct_conn.ptnr2_symmetry 
_struct_conn.pdbx_ptnr3_label_atom_id 
_struct_conn.pdbx_ptnr3_label_seq_id 
_struct_conn.pdbx_ptnr3_label_comp_id 
_struct_conn.pdbx_ptnr3_label_asym_id 
_struct_conn.pdbx_ptnr3_label_alt_id 
_struct_conn.pdbx_ptnr3_PDB_ins_code 
_struct_conn.details 
_struct_conn.pdbx_dist_value 
_struct_conn.pdbx_value_order 
_struct_conn.pdbx_role 
hydrog1  hydrog ? ? A DC 1 N3 ? ? ? 1_555 A DG 6 N1 ? ? A DC 1 A DG 6 8_665 ? ? ? ? ? ? WATSON-CRICK ? ? ? 
hydrog2  hydrog ? ? A DC 1 N4 ? ? ? 1_555 A DG 6 O6 ? ? A DC 1 A DG 6 8_665 ? ? ? ? ? ? WATSON-CRICK ? ? ? 
hydrog3  hydrog ? ? A DC 1 O2 ? ? ? 1_555 A DG 6 N2 ? ? A DC 1 A DG 6 8_665 ? ? ? ? ? ? WATSON-CRICK ? ? ? 
hydrog4  hydrog ? ? A DG 2 N1 ? ? ? 1_555 A DC 5 N3 ? ? A DG 2 A DC 5 8_665 ? ? ? ? ? ? WATSON-CRICK ? ? ? 
hydrog5  hydrog ? ? A DG 2 N2 ? ? ? 1_555 A DC 5 O2 ? ? A DG 2 A DC 5 8_665 ? ? ? ? ? ? WATSON-CRICK ? ? ? 
hydrog6  hydrog ? ? A DG 2 O6 ? ? ? 1_555 A DC 5 N4 ? ? A DG 2 A DC 5 8_665 ? ? ? ? ? ? WATSON-CRICK ? ? ? 
hydrog7  hydrog ? ? A DA 3 N1 ? ? ? 1_555 A DT 4 N3 ? ? A DA 3 A DT 4 8_665 ? ? ? ? ? ? WATSON-CRICK ? ? ? 
hydrog8  hydrog ? ? A DA 3 N6 ? ? ? 1_555 A DT 4 O4 ? ? A DA 3 A DT 4 8_665 ? ? ? ? ? ? WATSON-CRICK ? ? ? 
hydrog9  hydrog ? ? A DT 4 N3 ? ? ? 1_555 A DA 3 N1 ? ? A DT 4 A DA 3 8_665 ? ? ? ? ? ? WATSON-CRICK ? ? ? 
hydrog10 hydrog ? ? A DT 4 O4 ? ? ? 1_555 A DA 3 N6 ? ? A DT 4 A DA 3 8_665 ? ? ? ? ? ? WATSON-CRICK ? ? ? 
hydrog11 hydrog ? ? A DC 5 N3 ? ? ? 1_555 A DG 2 N1 ? ? A DC 5 A DG 2 8_665 ? ? ? ? ? ? WATSON-CRICK ? ? ? 
hydrog12 hydrog ? ? A DC 5 N4 ? ? ? 1_555 A DG 2 O6 ? ? A DC 5 A DG 2 8_665 ? ? ? ? ? ? WATSON-CRICK ? ? ? 
hydrog13 hydrog ? ? A DC 5 O2 ? ? ? 1_555 A DG 2 N2 ? ? A DC 5 A DG 2 8_665 ? ? ? ? ? ? WATSON-CRICK ? ? ? 
hydrog14 hydrog ? ? A DG 6 N1 ? ? ? 1_555 A DC 1 N3 ? ? A DG 6 A DC 1 8_665 ? ? ? ? ? ? WATSON-CRICK ? ? ? 
hydrog15 hydrog ? ? A DG 6 N2 ? ? ? 1_555 A DC 1 O2 ? ? A DG 6 A DC 1 8_665 ? ? ? ? ? ? WATSON-CRICK ? ? ? 
hydrog16 hydrog ? ? A DG 6 O6 ? ? ? 1_555 A DC 1 N4 ? ? A DG 6 A DC 1 8_665 ? ? ? ? ? ? WATSON-CRICK ? ? ? 
# 
_struct_conn_type.id          hydrog 
_struct_conn_type.criteria    ? 
_struct_conn_type.reference   ? 
# 
loop_
_struct_site.id 
_struct_site.pdbx_evidence_code 
_struct_site.pdbx_auth_asym_id 
_struct_site.pdbx_auth_comp_id 
_struct_site.pdbx_auth_seq_id 
_struct_site.pdbx_auth_ins_code 
_struct_site.pdbx_num_residues 
_struct_site.details 
AC1 Software A DM1 7 ? 13 'BINDING SITE FOR RESIDUE DM1 A 7' 
1   ?        ? ?   ? ? ?  ?                                  
# 
loop_
_struct_site_gen.id 
_struct_site_gen.site_id 
_struct_site_gen.pdbx_num_res 
_struct_site_gen.label_comp_id 
_struct_site_gen.label_asym_id 
_struct_site_gen.label_seq_id 
_struct_site_gen.pdbx_auth_ins_code 
_struct_site_gen.auth_comp_id 
_struct_site_gen.auth_asym_id 
_struct_site_gen.auth_seq_id 
_struct_site_gen.label_atom_id 
_struct_site_gen.label_alt_id 
_struct_site_gen.symmetry 
_struct_site_gen.details 
1  AC1 13 DC  A 1 ? DC  A 1  . ? 8_665 ? 
2  AC1 13 DG  A 2 ? DG  A 2  . ? 8_665 ? 
3  AC1 13 DA  A 3 ? DA  A 3  . ? 8_665 ? 
4  AC1 13 DT  A 4 ? DT  A 4  . ? 1_555 ? 
5  AC1 13 DC  A 5 ? DC  A 5  . ? 1_555 ? 
6  AC1 13 DG  A 6 ? DG  A 6  . ? 1_555 ? 
7  AC1 13 HOH C . ? HOH A 8  . ? 8_665 ? 
8  AC1 13 HOH C . ? HOH A 11 . ? 1_555 ? 
9  AC1 13 HOH C . ? HOH A 12 . ? 8_665 ? 
10 AC1 13 HOH C . ? HOH A 19 . ? 1_555 ? 
11 AC1 13 HOH C . ? HOH A 22 . ? 1_555 ? 
12 AC1 13 HOH C . ? HOH A 23 . ? 1_555 ? 
13 AC1 13 HOH C . ? HOH A 27 . ? 1_555 ? 
# 
loop_
_pdbx_validate_rmsd_bond.id 
_pdbx_validate_rmsd_bond.PDB_model_num 
_pdbx_validate_rmsd_bond.auth_atom_id_1 
_pdbx_validate_rmsd_bond.auth_asym_id_1 
_pdbx_validate_rmsd_bond.auth_comp_id_1 
_pdbx_validate_rmsd_bond.auth_seq_id_1 
_pdbx_validate_rmsd_bond.PDB_ins_code_1 
_pdbx_validate_rmsd_bond.label_alt_id_1 
_pdbx_validate_rmsd_bond.auth_atom_id_2 
_pdbx_validate_rmsd_bond.auth_asym_id_2 
_pdbx_validate_rmsd_bond.auth_comp_id_2 
_pdbx_validate_rmsd_bond.auth_seq_id_2 
_pdbx_validate_rmsd_bond.PDB_ins_code_2 
_pdbx_validate_rmsd_bond.label_alt_id_2 
_pdbx_validate_rmsd_bond.bond_value 
_pdbx_validate_rmsd_bond.bond_target_value 
_pdbx_validate_rmsd_bond.bond_deviation 
_pdbx_validate_rmsd_bond.bond_standard_deviation 
_pdbx_validate_rmsd_bond.linker_flag 
1  1 "C2'" A DC 1 ? ? "C1'" A DC 1 ? ? 1.591 1.519 0.072  0.010 N 
2  1 "O3'" A DC 1 ? ? "C3'" A DC 1 ? ? 1.381 1.419 -0.038 0.006 N 
3  1 "C2'" A DG 2 ? ? "C1'" A DG 2 ? ? 1.623 1.519 0.104  0.010 N 
4  1 C6    A DG 2 ? ? N1    A DG 2 ? ? 1.335 1.391 -0.056 0.007 N 
5  1 N7    A DG 2 ? ? C8    A DG 2 ? ? 1.351 1.305 0.046  0.006 N 
6  1 C2    A DG 2 ? ? N2    A DG 2 ? ? 1.247 1.341 -0.094 0.010 N 
7  1 "C2'" A DA 3 ? ? "C1'" A DA 3 ? ? 1.614 1.519 0.095  0.010 N 
8  1 "O3'" A DA 3 ? ? "C3'" A DA 3 ? ? 1.332 1.419 -0.087 0.006 N 
9  1 P     A DT 4 ? ? "O5'" A DT 4 ? ? 1.656 1.593 0.063  0.010 N 
10 1 "O3'" A DT 4 ? ? "C3'" A DT 4 ? ? 1.350 1.419 -0.069 0.006 N 
11 1 P     A DC 5 ? ? "O5'" A DC 5 ? ? 1.679 1.593 0.086  0.010 N 
12 1 "C5'" A DC 5 ? ? "C4'" A DC 5 ? ? 1.568 1.512 0.056  0.007 N 
13 1 "C2'" A DC 5 ? ? "C1'" A DC 5 ? ? 1.601 1.519 0.082  0.010 N 
14 1 N1    A DG 6 ? ? C2    A DG 6 ? ? 1.318 1.373 -0.055 0.008 N 
15 1 C6    A DG 6 ? ? N1    A DG 6 ? ? 1.334 1.391 -0.057 0.007 N 
16 1 N9    A DG 6 ? ? C4    A DG 6 ? ? 1.426 1.375 0.051  0.008 N 
17 1 C2    A DG 6 ? ? N2    A DG 6 ? ? 1.260 1.341 -0.081 0.010 N 
# 
loop_
_pdbx_validate_rmsd_angle.id 
_pdbx_validate_rmsd_angle.PDB_model_num 
_pdbx_validate_rmsd_angle.auth_atom_id_1 
_pdbx_validate_rmsd_angle.auth_asym_id_1 
_pdbx_validate_rmsd_angle.auth_comp_id_1 
_pdbx_validate_rmsd_angle.auth_seq_id_1 
_pdbx_validate_rmsd_angle.PDB_ins_code_1 
_pdbx_validate_rmsd_angle.label_alt_id_1 
_pdbx_validate_rmsd_angle.auth_atom_id_2 
_pdbx_validate_rmsd_angle.auth_asym_id_2 
_pdbx_validate_rmsd_angle.auth_comp_id_2 
_pdbx_validate_rmsd_angle.auth_seq_id_2 
_pdbx_validate_rmsd_angle.PDB_ins_code_2 
_pdbx_validate_rmsd_angle.label_alt_id_2 
_pdbx_validate_rmsd_angle.auth_atom_id_3 
_pdbx_validate_rmsd_angle.auth_asym_id_3 
_pdbx_validate_rmsd_angle.auth_comp_id_3 
_pdbx_validate_rmsd_angle.auth_seq_id_3 
_pdbx_validate_rmsd_angle.PDB_ins_code_3 
_pdbx_validate_rmsd_angle.label_alt_id_3 
_pdbx_validate_rmsd_angle.angle_value 
_pdbx_validate_rmsd_angle.angle_target_value 
_pdbx_validate_rmsd_angle.angle_deviation 
_pdbx_validate_rmsd_angle.angle_standard_deviation 
_pdbx_validate_rmsd_angle.linker_flag 
1  1 C2    A DC 1 ? ? N3    A DC 1 ? ? C4    A DC 1 ? ? 125.65 119.90 5.75  0.50 N 
2  1 N3    A DC 1 ? ? C4    A DC 1 ? ? C5    A DC 1 ? ? 116.17 121.90 -5.73 0.40 N 
3  1 "O5'" A DG 2 ? ? "C5'" A DG 2 ? ? "C4'" A DG 2 ? ? 103.73 109.40 -5.67 0.80 N 
4  1 "C3'" A DG 2 ? ? "C2'" A DG 2 ? ? "C1'" A DG 2 ? ? 95.91  102.40 -6.49 0.80 N 
5  1 "O4'" A DG 2 ? ? "C1'" A DG 2 ? ? N9    A DG 2 ? ? 113.16 108.30 4.86  0.30 N 
6  1 C6    A DG 2 ? ? N1    A DG 2 ? ? C2    A DG 2 ? ? 119.82 125.10 -5.28 0.60 N 
7  1 N1    A DG 2 ? ? C2    A DG 2 ? ? N3    A DG 2 ? ? 128.62 123.90 4.72  0.60 N 
8  1 C2    A DG 2 ? ? N3    A DG 2 ? ? C4    A DG 2 ? ? 108.82 111.90 -3.08 0.50 N 
9  1 C5    A DG 2 ? ? C6    A DG 2 ? ? N1    A DG 2 ? ? 117.89 111.50 6.39  0.50 N 
10 1 N3    A DG 2 ? ? C2    A DG 2 ? ? N2    A DG 2 ? ? 111.49 119.90 -8.41 0.70 N 
11 1 N1    A DG 2 ? ? C6    A DG 2 ? ? O6    A DG 2 ? ? 116.09 119.90 -3.81 0.60 N 
12 1 "O5'" A DA 3 ? ? P     A DA 3 ? ? OP1   A DA 3 ? ? 100.28 105.70 -5.42 0.90 N 
13 1 "O5'" A DA 3 ? ? "C5'" A DA 3 ? ? "C4'" A DA 3 ? ? 100.54 109.40 -8.86 0.80 N 
14 1 "C3'" A DA 3 ? ? "O3'" A DA 3 ? ? P     A DT 4 ? ? 130.79 119.70 11.09 1.20 Y 
15 1 "O4'" A DT 4 ? ? "C1'" A DT 4 ? ? N1    A DT 4 ? ? 102.59 108.00 -5.41 0.70 N 
16 1 C4    A DT 4 ? ? C5    A DT 4 ? ? C7    A DT 4 ? ? 123.28 119.00 4.28  0.60 N 
17 1 OP1   A DC 5 ? ? P     A DC 5 ? ? OP2   A DC 5 ? ? 129.22 119.60 9.62  1.50 N 
18 1 "O5'" A DC 5 ? ? P     A DC 5 ? ? OP1   A DC 5 ? ? 98.34  105.70 -7.36 0.90 N 
19 1 "O5'" A DC 5 ? ? "C5'" A DC 5 ? ? "C4'" A DC 5 ? ? 104.23 109.40 -5.17 0.80 N 
20 1 "C3'" A DC 5 ? ? "C2'" A DC 5 ? ? "C1'" A DC 5 ? ? 95.28  102.40 -7.12 0.80 N 
21 1 "O4'" A DC 5 ? ? "C1'" A DC 5 ? ? "C2'" A DC 5 ? ? 109.85 106.80 3.05  0.50 N 
22 1 "O4'" A DC 5 ? ? "C1'" A DC 5 ? ? N1    A DC 5 ? ? 118.62 108.30 10.32 0.30 N 
23 1 C2    A DC 5 ? ? N3    A DC 5 ? ? C4    A DC 5 ? ? 125.57 119.90 5.67  0.50 N 
24 1 N3    A DC 5 ? ? C4    A DC 5 ? ? C5    A DC 5 ? ? 117.72 121.90 -4.18 0.40 N 
25 1 N1    A DC 5 ? ? C2    A DC 5 ? ? O2    A DC 5 ? ? 125.59 118.90 6.69  0.60 N 
26 1 C5    A DC 5 ? ? C4    A DC 5 ? ? N4    A DC 5 ? ? 125.95 120.20 5.75  0.70 N 
27 1 "C1'" A DG 6 ? ? "O4'" A DG 6 ? ? "C4'" A DG 6 ? ? 115.37 110.30 5.07  0.70 N 
28 1 C6    A DG 6 ? ? N1    A DG 6 ? ? C2    A DG 6 ? ? 120.48 125.10 -4.62 0.60 N 
29 1 N1    A DG 6 ? ? C2    A DG 6 ? ? N3    A DG 6 ? ? 128.96 123.90 5.06  0.60 N 
30 1 C5    A DG 6 ? ? C6    A DG 6 ? ? N1    A DG 6 ? ? 116.80 111.50 5.30  0.50 N 
31 1 N3    A DG 6 ? ? C2    A DG 6 ? ? N2    A DG 6 ? ? 110.57 119.90 -9.33 0.70 N 
32 1 C5    A DG 6 ? ? C6    A DG 6 ? ? O6    A DG 6 ? ? 124.62 128.60 -3.98 0.60 N 
# 
_struct_site_keywords.site_id   1 
_struct_site_keywords.text      INTERCALATION 
# 
loop_
_refine_B_iso.class 
_refine_B_iso.details 
_refine_B_iso.treatment 
_refine_B_iso.pdbx_refine_id 
'ALL ATOMS'  TR isotropic 'X-RAY DIFFRACTION' 
'ALL WATERS' TR isotropic 'X-RAY DIFFRACTION' 
# 
loop_
_refine_occupancy.class 
_refine_occupancy.treatment 
_refine_occupancy.pdbx_refine_id 
'ALL ATOMS'  fix 'X-RAY DIFFRACTION' 
'ALL WATERS' fix 'X-RAY DIFFRACTION' 
# 
loop_
_chem_comp_atom.comp_id 
_chem_comp_atom.atom_id 
_chem_comp_atom.type_symbol 
_chem_comp_atom.pdbx_aromatic_flag 
_chem_comp_atom.pdbx_stereo_config 
_chem_comp_atom.pdbx_ordinal 
DA  OP3    O N N 1   
DA  P      P N N 2   
DA  OP1    O N N 3   
DA  OP2    O N N 4   
DA  "O5'"  O N N 5   
DA  "C5'"  C N N 6   
DA  "C4'"  C N R 7   
DA  "O4'"  O N N 8   
DA  "C3'"  C N S 9   
DA  "O3'"  O N N 10  
DA  "C2'"  C N N 11  
DA  "C1'"  C N R 12  
DA  N9     N Y N 13  
DA  C8     C Y N 14  
DA  N7     N Y N 15  
DA  C5     C Y N 16  
DA  C6     C Y N 17  
DA  N6     N N N 18  
DA  N1     N Y N 19  
DA  C2     C Y N 20  
DA  N3     N Y N 21  
DA  C4     C Y N 22  
DA  HOP3   H N N 23  
DA  HOP2   H N N 24  
DA  "H5'"  H N N 25  
DA  "H5''" H N N 26  
DA  "H4'"  H N N 27  
DA  "H3'"  H N N 28  
DA  "HO3'" H N N 29  
DA  "H2'"  H N N 30  
DA  "H2''" H N N 31  
DA  "H1'"  H N N 32  
DA  H8     H N N 33  
DA  H61    H N N 34  
DA  H62    H N N 35  
DA  H2     H N N 36  
DC  OP3    O N N 37  
DC  P      P N N 38  
DC  OP1    O N N 39  
DC  OP2    O N N 40  
DC  "O5'"  O N N 41  
DC  "C5'"  C N N 42  
DC  "C4'"  C N R 43  
DC  "O4'"  O N N 44  
DC  "C3'"  C N S 45  
DC  "O3'"  O N N 46  
DC  "C2'"  C N N 47  
DC  "C1'"  C N R 48  
DC  N1     N N N 49  
DC  C2     C N N 50  
DC  O2     O N N 51  
DC  N3     N N N 52  
DC  C4     C N N 53  
DC  N4     N N N 54  
DC  C5     C N N 55  
DC  C6     C N N 56  
DC  HOP3   H N N 57  
DC  HOP2   H N N 58  
DC  "H5'"  H N N 59  
DC  "H5''" H N N 60  
DC  "H4'"  H N N 61  
DC  "H3'"  H N N 62  
DC  "HO3'" H N N 63  
DC  "H2'"  H N N 64  
DC  "H2''" H N N 65  
DC  "H1'"  H N N 66  
DC  H41    H N N 67  
DC  H42    H N N 68  
DC  H5     H N N 69  
DC  H6     H N N 70  
DG  OP3    O N N 71  
DG  P      P N N 72  
DG  OP1    O N N 73  
DG  OP2    O N N 74  
DG  "O5'"  O N N 75  
DG  "C5'"  C N N 76  
DG  "C4'"  C N R 77  
DG  "O4'"  O N N 78  
DG  "C3'"  C N S 79  
DG  "O3'"  O N N 80  
DG  "C2'"  C N N 81  
DG  "C1'"  C N R 82  
DG  N9     N Y N 83  
DG  C8     C Y N 84  
DG  N7     N Y N 85  
DG  C5     C Y N 86  
DG  C6     C N N 87  
DG  O6     O N N 88  
DG  N1     N N N 89  
DG  C2     C N N 90  
DG  N2     N N N 91  
DG  N3     N N N 92  
DG  C4     C Y N 93  
DG  HOP3   H N N 94  
DG  HOP2   H N N 95  
DG  "H5'"  H N N 96  
DG  "H5''" H N N 97  
DG  "H4'"  H N N 98  
DG  "H3'"  H N N 99  
DG  "HO3'" H N N 100 
DG  "H2'"  H N N 101 
DG  "H2''" H N N 102 
DG  "H1'"  H N N 103 
DG  H8     H N N 104 
DG  H1     H N N 105 
DG  H21    H N N 106 
DG  H22    H N N 107 
DM1 C1     C Y N 108 
DM1 C2     C Y N 109 
DM1 C3     C Y N 110 
DM1 C4     C Y N 111 
DM1 O4     O N N 112 
DM1 C5     C Y N 113 
DM1 C6     C N N 114 
DM1 O6     O N N 115 
DM1 C7     C Y N 116 
DM1 C8     C Y N 117 
DM1 O8     O N N 118 
DM1 C9     C Y N 119 
DM1 C10    C N S 120 
DM1 O10    O N N 121 
DM1 C11    C N N 122 
DM1 C12    C N S 123 
DM1 O12    O N N 124 
DM1 C13    C N N 125 
DM1 O13    O N N 126 
DM1 C14    C N N 127 
DM1 C15    C N N 128 
DM1 C16    C Y N 129 
DM1 C17    C Y N 130 
DM1 O17    O N N 131 
DM1 C18    C Y N 132 
DM1 C19    C N N 133 
DM1 O19    O N N 134 
DM1 C20    C Y N 135 
DM1 C21    C N N 136 
DM1 "C1'"  C N R 137 
DM1 "C2'"  C N N 138 
DM1 "C3'"  C N S 139 
DM1 "N3'"  N N N 140 
DM1 "C4'"  C N S 141 
DM1 "O4'"  O N N 142 
DM1 "C5'"  C N S 143 
DM1 "O5'"  O N N 144 
DM1 "C6'"  C N N 145 
DM1 H1     H N N 146 
DM1 H2     H N N 147 
DM1 H3     H N N 148 
DM1 HO8    H N N 149 
DM1 H10    H N N 150 
DM1 H111   H N N 151 
DM1 H112   H N N 152 
DM1 HO12   H N N 153 
DM1 H141   H N N 154 
DM1 H142   H N N 155 
DM1 H143   H N N 156 
DM1 H151   H N N 157 
DM1 H152   H N N 158 
DM1 HO17   H N N 159 
DM1 H211   H N N 160 
DM1 H212   H N N 161 
DM1 H213   H N N 162 
DM1 "H1'"  H N N 163 
DM1 "H2'1" H N N 164 
DM1 "H2'2" H N N 165 
DM1 "H3'"  H N N 166 
DM1 "HN'1" H N N 167 
DM1 "HN'2" H N N 168 
DM1 "H4'"  H N N 169 
DM1 "HO4'" H N N 170 
DM1 "H5'"  H N N 171 
DM1 "H6'1" H N N 172 
DM1 "H6'2" H N N 173 
DM1 "H6'3" H N N 174 
DT  OP3    O N N 175 
DT  P      P N N 176 
DT  OP1    O N N 177 
DT  OP2    O N N 178 
DT  "O5'"  O N N 179 
DT  "C5'"  C N N 180 
DT  "C4'"  C N R 181 
DT  "O4'"  O N N 182 
DT  "C3'"  C N S 183 
DT  "O3'"  O N N 184 
DT  "C2'"  C N N 185 
DT  "C1'"  C N R 186 
DT  N1     N N N 187 
DT  C2     C N N 188 
DT  O2     O N N 189 
DT  N3     N N N 190 
DT  C4     C N N 191 
DT  O4     O N N 192 
DT  C5     C N N 193 
DT  C7     C N N 194 
DT  C6     C N N 195 
DT  HOP3   H N N 196 
DT  HOP2   H N N 197 
DT  "H5'"  H N N 198 
DT  "H5''" H N N 199 
DT  "H4'"  H N N 200 
DT  "H3'"  H N N 201 
DT  "HO3'" H N N 202 
DT  "H2'"  H N N 203 
DT  "H2''" H N N 204 
DT  "H1'"  H N N 205 
DT  H3     H N N 206 
DT  H71    H N N 207 
DT  H72    H N N 208 
DT  H73    H N N 209 
DT  H6     H N N 210 
HOH O      O N N 211 
HOH H1     H N N 212 
HOH H2     H N N 213 
# 
loop_
_chem_comp_bond.comp_id 
_chem_comp_bond.atom_id_1 
_chem_comp_bond.atom_id_2 
_chem_comp_bond.value_order 
_chem_comp_bond.pdbx_aromatic_flag 
_chem_comp_bond.pdbx_stereo_config 
_chem_comp_bond.pdbx_ordinal 
DA  OP3   P      sing N N 1   
DA  OP3   HOP3   sing N N 2   
DA  P     OP1    doub N N 3   
DA  P     OP2    sing N N 4   
DA  P     "O5'"  sing N N 5   
DA  OP2   HOP2   sing N N 6   
DA  "O5'" "C5'"  sing N N 7   
DA  "C5'" "C4'"  sing N N 8   
DA  "C5'" "H5'"  sing N N 9   
DA  "C5'" "H5''" sing N N 10  
DA  "C4'" "O4'"  sing N N 11  
DA  "C4'" "C3'"  sing N N 12  
DA  "C4'" "H4'"  sing N N 13  
DA  "O4'" "C1'"  sing N N 14  
DA  "C3'" "O3'"  sing N N 15  
DA  "C3'" "C2'"  sing N N 16  
DA  "C3'" "H3'"  sing N N 17  
DA  "O3'" "HO3'" sing N N 18  
DA  "C2'" "C1'"  sing N N 19  
DA  "C2'" "H2'"  sing N N 20  
DA  "C2'" "H2''" sing N N 21  
DA  "C1'" N9     sing N N 22  
DA  "C1'" "H1'"  sing N N 23  
DA  N9    C8     sing Y N 24  
DA  N9    C4     sing Y N 25  
DA  C8    N7     doub Y N 26  
DA  C8    H8     sing N N 27  
DA  N7    C5     sing Y N 28  
DA  C5    C6     sing Y N 29  
DA  C5    C4     doub Y N 30  
DA  C6    N6     sing N N 31  
DA  C6    N1     doub Y N 32  
DA  N6    H61    sing N N 33  
DA  N6    H62    sing N N 34  
DA  N1    C2     sing Y N 35  
DA  C2    N3     doub Y N 36  
DA  C2    H2     sing N N 37  
DA  N3    C4     sing Y N 38  
DC  OP3   P      sing N N 39  
DC  OP3   HOP3   sing N N 40  
DC  P     OP1    doub N N 41  
DC  P     OP2    sing N N 42  
DC  P     "O5'"  sing N N 43  
DC  OP2   HOP2   sing N N 44  
DC  "O5'" "C5'"  sing N N 45  
DC  "C5'" "C4'"  sing N N 46  
DC  "C5'" "H5'"  sing N N 47  
DC  "C5'" "H5''" sing N N 48  
DC  "C4'" "O4'"  sing N N 49  
DC  "C4'" "C3'"  sing N N 50  
DC  "C4'" "H4'"  sing N N 51  
DC  "O4'" "C1'"  sing N N 52  
DC  "C3'" "O3'"  sing N N 53  
DC  "C3'" "C2'"  sing N N 54  
DC  "C3'" "H3'"  sing N N 55  
DC  "O3'" "HO3'" sing N N 56  
DC  "C2'" "C1'"  sing N N 57  
DC  "C2'" "H2'"  sing N N 58  
DC  "C2'" "H2''" sing N N 59  
DC  "C1'" N1     sing N N 60  
DC  "C1'" "H1'"  sing N N 61  
DC  N1    C2     sing N N 62  
DC  N1    C6     sing N N 63  
DC  C2    O2     doub N N 64  
DC  C2    N3     sing N N 65  
DC  N3    C4     doub N N 66  
DC  C4    N4     sing N N 67  
DC  C4    C5     sing N N 68  
DC  N4    H41    sing N N 69  
DC  N4    H42    sing N N 70  
DC  C5    C6     doub N N 71  
DC  C5    H5     sing N N 72  
DC  C6    H6     sing N N 73  
DG  OP3   P      sing N N 74  
DG  OP3   HOP3   sing N N 75  
DG  P     OP1    doub N N 76  
DG  P     OP2    sing N N 77  
DG  P     "O5'"  sing N N 78  
DG  OP2   HOP2   sing N N 79  
DG  "O5'" "C5'"  sing N N 80  
DG  "C5'" "C4'"  sing N N 81  
DG  "C5'" "H5'"  sing N N 82  
DG  "C5'" "H5''" sing N N 83  
DG  "C4'" "O4'"  sing N N 84  
DG  "C4'" "C3'"  sing N N 85  
DG  "C4'" "H4'"  sing N N 86  
DG  "O4'" "C1'"  sing N N 87  
DG  "C3'" "O3'"  sing N N 88  
DG  "C3'" "C2'"  sing N N 89  
DG  "C3'" "H3'"  sing N N 90  
DG  "O3'" "HO3'" sing N N 91  
DG  "C2'" "C1'"  sing N N 92  
DG  "C2'" "H2'"  sing N N 93  
DG  "C2'" "H2''" sing N N 94  
DG  "C1'" N9     sing N N 95  
DG  "C1'" "H1'"  sing N N 96  
DG  N9    C8     sing Y N 97  
DG  N9    C4     sing Y N 98  
DG  C8    N7     doub Y N 99  
DG  C8    H8     sing N N 100 
DG  N7    C5     sing Y N 101 
DG  C5    C6     sing N N 102 
DG  C5    C4     doub Y N 103 
DG  C6    O6     doub N N 104 
DG  C6    N1     sing N N 105 
DG  N1    C2     sing N N 106 
DG  N1    H1     sing N N 107 
DG  C2    N2     sing N N 108 
DG  C2    N3     doub N N 109 
DG  N2    H21    sing N N 110 
DG  N2    H22    sing N N 111 
DG  N3    C4     sing N N 112 
DM1 C1    C2     doub Y N 113 
DM1 C1    C20    sing Y N 114 
DM1 C1    H1     sing N N 115 
DM1 C2    C3     sing Y N 116 
DM1 C2    H2     sing N N 117 
DM1 C3    C4     doub Y N 118 
DM1 C3    H3     sing N N 119 
DM1 C4    O4     sing N N 120 
DM1 C4    C5     sing Y N 121 
DM1 O4    C21    sing N N 122 
DM1 C5    C6     sing N N 123 
DM1 C5    C20    doub Y N 124 
DM1 C6    O6     doub N N 125 
DM1 C6    C7     sing N N 126 
DM1 C7    C8     doub Y N 127 
DM1 C7    C18    sing Y N 128 
DM1 C8    O8     sing N N 129 
DM1 C8    C9     sing Y N 130 
DM1 O8    HO8    sing N N 131 
DM1 C9    C10    sing N N 132 
DM1 C9    C16    doub Y N 133 
DM1 C10   O10    sing N N 134 
DM1 C10   C11    sing N N 135 
DM1 C10   H10    sing N N 136 
DM1 O10   "C1'"  sing N N 137 
DM1 C11   C12    sing N N 138 
DM1 C11   H111   sing N N 139 
DM1 C11   H112   sing N N 140 
DM1 C12   O12    sing N N 141 
DM1 C12   C13    sing N N 142 
DM1 C12   C15    sing N N 143 
DM1 O12   HO12   sing N N 144 
DM1 C13   O13    doub N N 145 
DM1 C13   C14    sing N N 146 
DM1 C14   H141   sing N N 147 
DM1 C14   H142   sing N N 148 
DM1 C14   H143   sing N N 149 
DM1 C15   C16    sing N N 150 
DM1 C15   H151   sing N N 151 
DM1 C15   H152   sing N N 152 
DM1 C16   C17    sing Y N 153 
DM1 C17   O17    sing N N 154 
DM1 C17   C18    doub Y N 155 
DM1 O17   HO17   sing N N 156 
DM1 C18   C19    sing N N 157 
DM1 C19   O19    doub N N 158 
DM1 C19   C20    sing N N 159 
DM1 C21   H211   sing N N 160 
DM1 C21   H212   sing N N 161 
DM1 C21   H213   sing N N 162 
DM1 "C1'" "C2'"  sing N N 163 
DM1 "C1'" "O5'"  sing N N 164 
DM1 "C1'" "H1'"  sing N N 165 
DM1 "C2'" "C3'"  sing N N 166 
DM1 "C2'" "H2'1" sing N N 167 
DM1 "C2'" "H2'2" sing N N 168 
DM1 "C3'" "N3'"  sing N N 169 
DM1 "C3'" "C4'"  sing N N 170 
DM1 "C3'" "H3'"  sing N N 171 
DM1 "N3'" "HN'1" sing N N 172 
DM1 "N3'" "HN'2" sing N N 173 
DM1 "C4'" "O4'"  sing N N 174 
DM1 "C4'" "C5'"  sing N N 175 
DM1 "C4'" "H4'"  sing N N 176 
DM1 "O4'" "HO4'" sing N N 177 
DM1 "C5'" "O5'"  sing N N 178 
DM1 "C5'" "C6'"  sing N N 179 
DM1 "C5'" "H5'"  sing N N 180 
DM1 "C6'" "H6'1" sing N N 181 
DM1 "C6'" "H6'2" sing N N 182 
DM1 "C6'" "H6'3" sing N N 183 
DT  OP3   P      sing N N 184 
DT  OP3   HOP3   sing N N 185 
DT  P     OP1    doub N N 186 
DT  P     OP2    sing N N 187 
DT  P     "O5'"  sing N N 188 
DT  OP2   HOP2   sing N N 189 
DT  "O5'" "C5'"  sing N N 190 
DT  "C5'" "C4'"  sing N N 191 
DT  "C5'" "H5'"  sing N N 192 
DT  "C5'" "H5''" sing N N 193 
DT  "C4'" "O4'"  sing N N 194 
DT  "C4'" "C3'"  sing N N 195 
DT  "C4'" "H4'"  sing N N 196 
DT  "O4'" "C1'"  sing N N 197 
DT  "C3'" "O3'"  sing N N 198 
DT  "C3'" "C2'"  sing N N 199 
DT  "C3'" "H3'"  sing N N 200 
DT  "O3'" "HO3'" sing N N 201 
DT  "C2'" "C1'"  sing N N 202 
DT  "C2'" "H2'"  sing N N 203 
DT  "C2'" "H2''" sing N N 204 
DT  "C1'" N1     sing N N 205 
DT  "C1'" "H1'"  sing N N 206 
DT  N1    C2     sing N N 207 
DT  N1    C6     sing N N 208 
DT  C2    O2     doub N N 209 
DT  C2    N3     sing N N 210 
DT  N3    C4     sing N N 211 
DT  N3    H3     sing N N 212 
DT  C4    O4     doub N N 213 
DT  C4    C5     sing N N 214 
DT  C5    C7     sing N N 215 
DT  C5    C6     doub N N 216 
DT  C7    H71    sing N N 217 
DT  C7    H72    sing N N 218 
DT  C7    H73    sing N N 219 
DT  C6    H6     sing N N 220 
HOH O     H1     sing N N 221 
HOH O     H2     sing N N 222 
# 
loop_
_ndb_struct_conf_na.entry_id 
_ndb_struct_conf_na.feature 
152D 'double helix'        
152D 'b-form double helix' 
# 
loop_
_ndb_struct_na_base_pair.model_number 
_ndb_struct_na_base_pair.i_label_asym_id 
_ndb_struct_na_base_pair.i_label_comp_id 
_ndb_struct_na_base_pair.i_label_seq_id 
_ndb_struct_na_base_pair.i_symmetry 
_ndb_struct_na_base_pair.j_label_asym_id 
_ndb_struct_na_base_pair.j_label_comp_id 
_ndb_struct_na_base_pair.j_label_seq_id 
_ndb_struct_na_base_pair.j_symmetry 
_ndb_struct_na_base_pair.shear 
_ndb_struct_na_base_pair.stretch 
_ndb_struct_na_base_pair.stagger 
_ndb_struct_na_base_pair.buckle 
_ndb_struct_na_base_pair.propeller 
_ndb_struct_na_base_pair.opening 
_ndb_struct_na_base_pair.pair_number 
_ndb_struct_na_base_pair.pair_name 
_ndb_struct_na_base_pair.i_auth_asym_id 
_ndb_struct_na_base_pair.i_auth_seq_id 
_ndb_struct_na_base_pair.i_PDB_ins_code 
_ndb_struct_na_base_pair.j_auth_asym_id 
_ndb_struct_na_base_pair.j_auth_seq_id 
_ndb_struct_na_base_pair.j_PDB_ins_code 
_ndb_struct_na_base_pair.hbond_type_28 
_ndb_struct_na_base_pair.hbond_type_12 
1 A DC 1 1_555 A DG 6 8_665 0.157  -0.112 -0.202 9.586   2.842  -0.683 1 A_DC1:DG6_A A 1 ? A 6 ? 19 1 
1 A DG 2 1_555 A DC 5 8_665 -0.130 -0.058 -0.590 -21.595 -0.157 0.808  2 A_DG2:DC5_A A 2 ? A 5 ? 19 1 
1 A DA 3 1_555 A DT 4 8_665 0.012  -0.164 0.184  -6.261  -1.449 3.284  3 A_DA3:DT4_A A 3 ? A 4 ? 20 1 
1 A DT 4 1_555 A DA 3 8_665 -0.012 -0.164 0.184  6.261   -1.449 3.284  4 A_DT4:DA3_A A 4 ? A 3 ? 20 1 
1 A DC 5 1_555 A DG 2 8_665 0.130  -0.058 -0.590 21.595  -0.157 0.808  5 A_DC5:DG2_A A 5 ? A 2 ? 19 1 
1 A DG 6 1_555 A DC 1 8_665 -0.157 -0.112 -0.202 -9.586  2.842  -0.683 6 A_DG6:DC1_A A 6 ? A 1 ? 19 1 
# 
loop_
_ndb_struct_na_base_pair_step.model_number 
_ndb_struct_na_base_pair_step.i_label_asym_id_1 
_ndb_struct_na_base_pair_step.i_label_comp_id_1 
_ndb_struct_na_base_pair_step.i_label_seq_id_1 
_ndb_struct_na_base_pair_step.i_symmetry_1 
_ndb_struct_na_base_pair_step.j_label_asym_id_1 
_ndb_struct_na_base_pair_step.j_label_comp_id_1 
_ndb_struct_na_base_pair_step.j_label_seq_id_1 
_ndb_struct_na_base_pair_step.j_symmetry_1 
_ndb_struct_na_base_pair_step.i_label_asym_id_2 
_ndb_struct_na_base_pair_step.i_label_comp_id_2 
_ndb_struct_na_base_pair_step.i_label_seq_id_2 
_ndb_struct_na_base_pair_step.i_symmetry_2 
_ndb_struct_na_base_pair_step.j_label_asym_id_2 
_ndb_struct_na_base_pair_step.j_label_comp_id_2 
_ndb_struct_na_base_pair_step.j_label_seq_id_2 
_ndb_struct_na_base_pair_step.j_symmetry_2 
_ndb_struct_na_base_pair_step.shift 
_ndb_struct_na_base_pair_step.slide 
_ndb_struct_na_base_pair_step.rise 
_ndb_struct_na_base_pair_step.tilt 
_ndb_struct_na_base_pair_step.roll 
_ndb_struct_na_base_pair_step.twist 
_ndb_struct_na_base_pair_step.x_displacement 
_ndb_struct_na_base_pair_step.y_displacement 
_ndb_struct_na_base_pair_step.helical_rise 
_ndb_struct_na_base_pair_step.inclination 
_ndb_struct_na_base_pair_step.tip 
_ndb_struct_na_base_pair_step.helical_twist 
_ndb_struct_na_base_pair_step.step_number 
_ndb_struct_na_base_pair_step.step_name 
_ndb_struct_na_base_pair_step.i_auth_asym_id_1 
_ndb_struct_na_base_pair_step.i_auth_seq_id_1 
_ndb_struct_na_base_pair_step.i_PDB_ins_code_1 
_ndb_struct_na_base_pair_step.j_auth_asym_id_1 
_ndb_struct_na_base_pair_step.j_auth_seq_id_1 
_ndb_struct_na_base_pair_step.j_PDB_ins_code_1 
_ndb_struct_na_base_pair_step.i_auth_asym_id_2 
_ndb_struct_na_base_pair_step.i_auth_seq_id_2 
_ndb_struct_na_base_pair_step.i_PDB_ins_code_2 
_ndb_struct_na_base_pair_step.j_auth_asym_id_2 
_ndb_struct_na_base_pair_step.j_auth_seq_id_2 
_ndb_struct_na_base_pair_step.j_PDB_ins_code_2 
1 A DC 1 1_555 A DG 6 8_665 A DG 2 1_555 A DC 5 8_665 1.381  1.269  7.153 3.281  -1.840 35.749 2.634  -1.210 7.175 -2.988 -5.326  
35.940 1 AA_DC1DG2:DC5DG6_AA A 1 ? A 6 ? A 2 ? A 5 ? 
1 A DG 2 1_555 A DC 5 8_665 A DA 3 1_555 A DT 4 8_665 -1.277 0.419  2.923 -8.373 -1.294 30.024 1.013  0.869  3.136 -2.437 15.771  
31.170 2 AA_DG2DA3:DT4DC5_AA A 2 ? A 5 ? A 3 ? A 4 ? 
1 A DA 3 1_555 A DT 4 8_665 A DT 4 1_555 A DA 3 8_665 0.000  -0.853 3.194 0.000  5.172  32.738 -2.328 0.000  3.027 9.105  0.000   
33.133 3 AA_DA3DT4:DA3DT4_AA A 3 ? A 4 ? A 4 ? A 3 ? 
1 A DT 4 1_555 A DA 3 8_665 A DC 5 1_555 A DG 2 8_665 1.277  0.419  2.923 8.373  -1.294 30.024 1.013  -0.869 3.136 -2.437 -15.771 
31.170 4 AA_DT4DC5:DG2DA3_AA A 4 ? A 3 ? A 5 ? A 2 ? 
1 A DC 5 1_555 A DG 2 8_665 A DG 6 1_555 A DC 1 8_665 -1.381 1.269  7.153 -3.280 -1.840 35.749 2.634  1.210  7.175 -2.988 5.326   
35.940 5 AA_DC5DG6:DC1DG2_AA A 5 ? A 2 ? A 6 ? A 1 ? 
# 
_atom_sites.entry_id                    152D 
_atom_sites.fract_transf_matrix[1][1]   -0.03113650 
_atom_sites.fract_transf_matrix[1][2]   0.01048056 
_atom_sites.fract_transf_matrix[1][3]   0.01449100 
_atom_sites.fract_transf_matrix[2][1]   0.01158664 
_atom_sites.fract_transf_matrix[2][2]   0.03398473 
_atom_sites.fract_transf_matrix[2][3]   0.00031666 
_atom_sites.fract_transf_matrix[3][1]   -0.00724979 
_atom_sites.fract_transf_matrix[3][2]   0.00263462 
_atom_sites.fract_transf_matrix[3][3]   -0.01748294 
_atom_sites.fract_transf_vector[1]      0.598552 
_atom_sites.fract_transf_vector[2]      0.538403 
_atom_sites.fract_transf_vector[3]      0.219192 
# 
loop_
_atom_type.symbol 
C 
N 
O 
P 
# 
loop_
_atom_site.group_PDB 
_atom_site.id 
_atom_site.type_symbol 
_atom_site.label_atom_id 
_atom_site.label_alt_id 
_atom_site.label_comp_id 
_atom_site.label_asym_id 
_atom_site.label_entity_id 
_atom_site.label_seq_id 
_atom_site.pdbx_PDB_ins_code 
_atom_site.Cartn_x 
_atom_site.Cartn_y 
_atom_site.Cartn_z 
_atom_site.occupancy 
_atom_site.B_iso_or_equiv 
_atom_site.pdbx_formal_charge 
_atom_site.auth_seq_id 
_atom_site.auth_comp_id 
_atom_site.auth_asym_id 
_atom_site.auth_atom_id 
_atom_site.pdbx_PDB_model_num 
ATOM   1   O "O5'" . DC  A 1 1 ? 3.756  4.298   -13.047 1.00 7.21  ? 1  DC  A "O5'" 1 
ATOM   2   C "C5'" . DC  A 1 1 ? 3.486  5.483   -13.683 1.00 5.99  ? 1  DC  A "C5'" 1 
ATOM   3   C "C4'" . DC  A 1 1 ? 2.091  5.913   -13.521 1.00 5.78  ? 1  DC  A "C4'" 1 
ATOM   4   O "O4'" . DC  A 1 1 ? 1.172  5.019   -14.226 1.00 5.82  ? 1  DC  A "O4'" 1 
ATOM   5   C "C3'" . DC  A 1 1 ? 1.555  5.967   -12.032 1.00 5.66  ? 1  DC  A "C3'" 1 
ATOM   6   O "O3'" . DC  A 1 1 ? 0.716  7.056   -11.899 1.00 5.19  ? 1  DC  A "O3'" 1 
ATOM   7   C "C2'" . DC  A 1 1 ? 0.828  4.605   -11.881 1.00 5.84  ? 1  DC  A "C2'" 1 
ATOM   8   C "C1'" . DC  A 1 1 ? 0.166  4.474   -13.322 1.00 5.27  ? 1  DC  A "C1'" 1 
ATOM   9   N N1    . DC  A 1 1 ? 0.074  3.014   -13.627 1.00 4.80  ? 1  DC  A N1    1 
ATOM   10  C C2    . DC  A 1 1 ? -1.133 2.403   -13.360 1.00 4.51  ? 1  DC  A C2    1 
ATOM   11  O O2    . DC  A 1 1 ? -2.086 3.022   -12.910 1.00 5.08  ? 1  DC  A O2    1 
ATOM   12  N N3    . DC  A 1 1 ? -1.213 1.075   -13.651 1.00 4.65  ? 1  DC  A N3    1 
ATOM   13  C C4    . DC  A 1 1 ? -0.187 0.297   -14.132 1.00 4.96  ? 1  DC  A C4    1 
ATOM   14  N N4    . DC  A 1 1 ? -0.353 -1.054  -14.285 1.00 4.91  ? 1  DC  A N4    1 
ATOM   15  C C5    . DC  A 1 1 ? 1.046  0.969   -14.386 1.00 4.61  ? 1  DC  A C5    1 
ATOM   16  C C6    . DC  A 1 1 ? 1.144  2.254   -14.087 1.00 4.55  ? 1  DC  A C6    1 
ATOM   17  P P     . DG  A 1 2 ? 0.927  8.163   -10.806 1.00 6.74  ? 2  DG  A P     1 
ATOM   18  O OP1   . DG  A 1 2 ? 0.025  9.284   -11.056 1.00 6.96  ? 2  DG  A OP1   1 
ATOM   19  O OP2   . DG  A 1 2 ? 2.312  8.395   -10.705 1.00 7.20  ? 2  DG  A OP2   1 
ATOM   20  O "O5'" . DG  A 1 2 ? 0.516  7.459   -9.381  1.00 6.84  ? 2  DG  A "O5'" 1 
ATOM   21  C "C5'" . DG  A 1 2 ? -0.892 7.109   -9.275  1.00 6.92  ? 2  DG  A "C5'" 1 
ATOM   22  C "C4'" . DG  A 1 2 ? -0.967 6.283   -7.972  1.00 7.32  ? 2  DG  A "C4'" 1 
ATOM   23  O "O4'" . DG  A 1 2 ? -0.466 4.977   -8.339  1.00 6.63  ? 2  DG  A "O4'" 1 
ATOM   24  C "C3'" . DG  A 1 2 ? -0.070 6.789   -6.821  1.00 8.13  ? 2  DG  A "C3'" 1 
ATOM   25  O "O3'" . DG  A 1 2 ? -0.808 6.587   -5.618  1.00 10.37 ? 2  DG  A "O3'" 1 
ATOM   26  C "C2'" . DG  A 1 2 ? 1.147  5.790   -6.745  1.00 7.05  ? 2  DG  A "C2'" 1 
ATOM   27  C "C1'" . DG  A 1 2 ? 0.320  4.482   -7.236  1.00 6.64  ? 2  DG  A "C1'" 1 
ATOM   28  N N9    . DG  A 1 2 ? 1.129  3.376   -7.581  1.00 6.53  ? 2  DG  A N9    1 
ATOM   29  C C8    . DG  A 1 2 ? 2.387  3.340   -8.082  1.00 6.46  ? 2  DG  A C8    1 
ATOM   30  N N7    . DG  A 1 2 ? 2.869  2.093   -8.281  1.00 6.11  ? 2  DG  A N7    1 
ATOM   31  C C5    . DG  A 1 2 ? 1.840  1.310   -7.816  1.00 5.80  ? 2  DG  A C5    1 
ATOM   32  C C6    . DG  A 1 2 ? 1.694  -0.100  -7.742  1.00 5.84  ? 2  DG  A C6    1 
ATOM   33  O O6    . DG  A 1 2 ? 2.551  -0.951  -8.116  1.00 5.84  ? 2  DG  A O6    1 
ATOM   34  N N1    . DG  A 1 2 ? 0.507  -0.587  -7.370  1.00 5.19  ? 2  DG  A N1    1 
ATOM   35  C C2    . DG  A 1 2 ? -0.475 0.255   -7.003  1.00 5.40  ? 2  DG  A C2    1 
ATOM   36  N N2    . DG  A 1 2 ? -1.577 -0.198  -6.637  1.00 5.73  ? 2  DG  A N2    1 
ATOM   37  N N3    . DG  A 1 2 ? -0.469 1.599   -6.995  1.00 5.84  ? 2  DG  A N3    1 
ATOM   38  C C4    . DG  A 1 2 ? 0.732  2.035   -7.460  1.00 5.72  ? 2  DG  A C4    1 
ATOM   39  P P     . DA  A 1 3 ? -0.874 7.593   -4.415  1.00 13.42 ? 3  DA  A P     1 
ATOM   40  O OP1   . DA  A 1 3 ? -1.538 8.731   -4.905  1.00 12.14 ? 3  DA  A OP1   1 
ATOM   41  O OP2   . DA  A 1 3 ? 0.440  7.675   -3.739  1.00 13.24 ? 3  DA  A OP2   1 
ATOM   42  O "O5'" . DA  A 1 3 ? -2.032 6.985   -3.415  1.00 10.62 ? 3  DA  A "O5'" 1 
ATOM   43  C "C5'" . DA  A 1 3 ? -3.265 6.828   -3.990  1.00 8.71  ? 3  DA  A "C5'" 1 
ATOM   44  C "C4'" . DA  A 1 3 ? -3.689 5.470   -3.382  1.00 6.88  ? 3  DA  A "C4'" 1 
ATOM   45  O "O4'" . DA  A 1 3 ? -2.949 4.422   -4.056  1.00 5.16  ? 3  DA  A "O4'" 1 
ATOM   46  C "C3'" . DA  A 1 3 ? -3.497 5.276   -1.851  1.00 7.60  ? 3  DA  A "C3'" 1 
ATOM   47  O "O3'" . DA  A 1 3 ? -4.657 4.902   -1.312  1.00 8.38  ? 3  DA  A "O3'" 1 
ATOM   48  C "C2'" . DA  A 1 3 ? -2.463 4.185   -1.781  1.00 6.89  ? 3  DA  A "C2'" 1 
ATOM   49  C "C1'" . DA  A 1 3 ? -2.696 3.379   -3.159  1.00 5.97  ? 3  DA  A "C1'" 1 
ATOM   50  N N9    . DA  A 1 3 ? -1.407 2.825   -3.521  1.00 4.95  ? 3  DA  A N9    1 
ATOM   51  C C8    . DA  A 1 3 ? -0.291 3.497   -3.815  1.00 4.20  ? 3  DA  A C8    1 
ATOM   52  N N7    . DA  A 1 3 ? 0.750  2.704   -4.057  1.00 4.48  ? 3  DA  A N7    1 
ATOM   53  C C5    . DA  A 1 3 ? 0.230  1.449   -3.913  1.00 3.83  ? 3  DA  A C5    1 
ATOM   54  C C6    . DA  A 1 3 ? 0.839  0.149   -4.040  1.00 3.43  ? 3  DA  A C6    1 
ATOM   55  N N6    . DA  A 1 3 ? 2.107  -0.016  -4.414  1.00 3.45  ? 3  DA  A N6    1 
ATOM   56  N N1    . DA  A 1 3 ? 0.037  -0.910  -3.761  1.00 3.81  ? 3  DA  A N1    1 
ATOM   57  C C2    . DA  A 1 3 ? -1.245 -0.720  -3.455  1.00 3.43  ? 3  DA  A C2    1 
ATOM   58  N N3    . DA  A 1 3 ? -1.890 0.433   -3.296  1.00 3.38  ? 3  DA  A N3    1 
ATOM   59  C C4    . DA  A 1 3 ? -1.082 1.471   -3.554  1.00 3.85  ? 3  DA  A C4    1 
ATOM   60  P P     . DT  A 1 4 ? -5.061 4.639   0.198   1.00 10.67 ? 4  DT  A P     1 
ATOM   61  O OP1   . DT  A 1 4 ? -6.491 4.658   0.117   1.00 11.17 ? 4  DT  A OP1   1 
ATOM   62  O OP2   . DT  A 1 4 ? -4.305 5.502   1.041   1.00 11.20 ? 4  DT  A OP2   1 
ATOM   63  O "O5'" . DT  A 1 4 ? -4.754 3.056   0.573   1.00 8.98  ? 4  DT  A "O5'" 1 
ATOM   64  C "C5'" . DT  A 1 4 ? -5.546 2.086   0.000   1.00 8.22  ? 4  DT  A "C5'" 1 
ATOM   65  C "C4'" . DT  A 1 4 ? -5.053 0.754   0.617   1.00 6.94  ? 4  DT  A "C4'" 1 
ATOM   66  O "O4'" . DT  A 1 4 ? -3.803 0.446   0.060   1.00 6.44  ? 4  DT  A "O4'" 1 
ATOM   67  C "C3'" . DT  A 1 4 ? -4.868 0.796   2.186   1.00 7.41  ? 4  DT  A "C3'" 1 
ATOM   68  O "O3'" . DT  A 1 4 ? -5.616 -0.191  2.725   1.00 7.98  ? 4  DT  A "O3'" 1 
ATOM   69  C "C2'" . DT  A 1 4 ? -3.352 0.523   2.365   1.00 6.43  ? 4  DT  A "C2'" 1 
ATOM   70  C "C1'" . DT  A 1 4 ? -2.953 -0.127  1.070   1.00 6.42  ? 4  DT  A "C1'" 1 
ATOM   71  N N1    . DT  A 1 4 ? -1.569 0.196   0.556   1.00 7.09  ? 4  DT  A N1    1 
ATOM   72  C C2    . DT  A 1 4 ? -0.787 -0.869  0.192   1.00 6.48  ? 4  DT  A C2    1 
ATOM   73  O O2    . DT  A 1 4 ? -1.148 -2.020  0.249   1.00 7.01  ? 4  DT  A O2    1 
ATOM   74  N N3    . DT  A 1 4 ? 0.438  -0.564  -0.303  1.00 6.10  ? 4  DT  A N3    1 
ATOM   75  C C4    . DT  A 1 4 ? 0.955  0.715   -0.472  1.00 6.47  ? 4  DT  A C4    1 
ATOM   76  O O4    . DT  A 1 4 ? 2.090  0.836   -0.945  1.00 6.23  ? 4  DT  A O4    1 
ATOM   77  C C5    . DT  A 1 4 ? 0.113  1.801   -0.087  1.00 6.71  ? 4  DT  A C5    1 
ATOM   78  C C7    . DT  A 1 4 ? 0.516  3.244   -0.217  1.00 6.43  ? 4  DT  A C7    1 
ATOM   79  C C6    . DT  A 1 4 ? -1.106 1.498   0.390   1.00 7.07  ? 4  DT  A C6    1 
ATOM   80  P P     . DC  A 1 5 ? -5.916 -0.346  4.310   1.00 9.16  ? 5  DC  A P     1 
ATOM   81  O OP1   . DC  A 1 5 ? -6.926 -1.337  4.292   1.00 9.88  ? 5  DC  A OP1   1 
ATOM   82  O OP2   . DC  A 1 5 ? -5.900 0.877   4.961   1.00 9.23  ? 5  DC  A OP2   1 
ATOM   83  O "O5'" . DC  A 1 5 ? -4.641 -1.306  4.832   1.00 8.84  ? 5  DC  A "O5'" 1 
ATOM   84  C "C5'" . DC  A 1 5 ? -4.517 -2.571  4.382   1.00 7.40  ? 5  DC  A "C5'" 1 
ATOM   85  C "C4'" . DC  A 1 5 ? -3.056 -2.980  4.780   1.00 7.69  ? 5  DC  A "C4'" 1 
ATOM   86  O "O4'" . DC  A 1 5 ? -2.164 -2.308  3.867   1.00 7.23  ? 5  DC  A "O4'" 1 
ATOM   87  C "C3'" . DC  A 1 5 ? -2.666 -2.562  6.197   1.00 7.99  ? 5  DC  A "C3'" 1 
ATOM   88  O "O3'" . DC  A 1 5 ? -2.021 -3.632  6.835   1.00 8.69  ? 5  DC  A "O3'" 1 
ATOM   89  C "C2'" . DC  A 1 5 ? -1.675 -1.395  6.076   1.00 7.61  ? 5  DC  A "C2'" 1 
ATOM   90  C "C1'" . DC  A 1 5 ? -1.131 -1.815  4.630   1.00 7.36  ? 5  DC  A "C1'" 1 
ATOM   91  N N1    . DC  A 1 5 ? -0.223 -0.804  4.031   1.00 6.34  ? 5  DC  A N1    1 
ATOM   92  C C2    . DC  A 1 5 ? 0.726  -1.352  3.191   1.00 6.66  ? 5  DC  A C2    1 
ATOM   93  O O2    . DC  A 1 5 ? 0.810  -2.526  2.889   1.00 6.04  ? 5  DC  A O2    1 
ATOM   94  N N3    . DC  A 1 5 ? 1.620  -0.454  2.658   1.00 6.85  ? 5  DC  A N3    1 
ATOM   95  C C4    . DC  A 1 5 ? 1.611  0.903   2.869   1.00 6.69  ? 5  DC  A C4    1 
ATOM   96  N N4    . DC  A 1 5 ? 2.619  1.598   2.304   1.00 5.98  ? 5  DC  A N4    1 
ATOM   97  C C5    . DC  A 1 5 ? 0.614  1.433   3.749   1.00 6.61  ? 5  DC  A C5    1 
ATOM   98  C C6    . DC  A 1 5 ? -0.271 0.565   4.259   1.00 7.02  ? 5  DC  A C6    1 
ATOM   99  P P     . DG  A 1 6 ? -2.772 -4.542  7.911   1.00 9.80  ? 6  DG  A P     1 
ATOM   100 O OP1   . DG  A 1 6 ? -3.867 -5.111  7.236   1.00 10.70 ? 6  DG  A OP1   1 
ATOM   101 O OP2   . DG  A 1 6 ? -2.922 -3.757  9.128   1.00 9.42  ? 6  DG  A OP2   1 
ATOM   102 O "O5'" . DG  A 1 6 ? -1.761 -5.796  8.116   1.00 8.23  ? 6  DG  A "O5'" 1 
ATOM   103 C "C5'" . DG  A 1 6 ? -1.614 -6.783  7.207   1.00 7.35  ? 6  DG  A "C5'" 1 
ATOM   104 C "C4'" . DG  A 1 6 ? -0.507 -7.746  7.664   1.00 6.70  ? 6  DG  A "C4'" 1 
ATOM   105 O "O4'" . DG  A 1 6 ? 0.747  -7.096  7.713   1.00 5.78  ? 6  DG  A "O4'" 1 
ATOM   106 C "C3'" . DG  A 1 6 ? -0.668 -8.292  9.115   1.00 5.87  ? 6  DG  A "C3'" 1 
ATOM   107 O "O3'" . DG  A 1 6 ? -0.098 -9.571  9.091   1.00 6.25  ? 6  DG  A "O3'" 1 
ATOM   108 C "C2'" . DG  A 1 6 ? 0.049  -7.235  9.943   1.00 5.47  ? 6  DG  A "C2'" 1 
ATOM   109 C "C1'" . DG  A 1 6 ? 1.280  -6.868  9.049   1.00 5.38  ? 6  DG  A "C1'" 1 
ATOM   110 N N9    . DG  A 1 6 ? 1.708  -5.533  9.148   1.00 5.58  ? 6  DG  A N9    1 
ATOM   111 C C8    . DG  A 1 6 ? 1.039  -4.427  9.492   1.00 5.86  ? 6  DG  A C8    1 
ATOM   112 N N7    . DG  A 1 6 ? 1.733  -3.301  9.394   1.00 6.45  ? 6  DG  A N7    1 
ATOM   113 C C5    . DG  A 1 6 ? 2.939  -3.715  8.926   1.00 5.60  ? 6  DG  A C5    1 
ATOM   114 C C6    . DG  A 1 6 ? 4.155  -2.991  8.629   1.00 6.05  ? 6  DG  A C6    1 
ATOM   115 O O6    . DG  A 1 6 ? 4.296  -1.735  8.754   1.00 5.80  ? 6  DG  A O6    1 
ATOM   116 N N1    . DG  A 1 6 ? 5.178  -3.703  8.153   1.00 5.51  ? 6  DG  A N1    1 
ATOM   117 C C2    . DG  A 1 6 ? 5.083  -5.013  8.035   1.00 5.78  ? 6  DG  A C2    1 
ATOM   118 N N2    . DG  A 1 6 ? 6.061  -5.689  7.617   1.00 5.90  ? 6  DG  A N2    1 
ATOM   119 N N3    . DG  A 1 6 ? 4.035  -5.815  8.308   1.00 5.26  ? 6  DG  A N3    1 
ATOM   120 C C4    . DG  A 1 6 ? 2.996  -5.059  8.759   1.00 5.82  ? 6  DG  A C4    1 
HETATM 121 C C1    . DM1 B 2 . ? 4.898  1.781   5.439   1.00 7.09  ? 7  DM1 A C1    1 
HETATM 122 C C2    . DM1 B 2 . ? 4.082  2.835   5.914   1.00 6.02  ? 7  DM1 A C2    1 
HETATM 123 C C3    . DM1 B 2 . ? 2.827  2.543   6.417   1.00 6.39  ? 7  DM1 A C3    1 
HETATM 124 C C4    . DM1 B 2 . ? 2.369  1.207   6.416   1.00 5.38  ? 7  DM1 A C4    1 
HETATM 125 O O4    . DM1 B 2 . ? 1.108  0.986   6.929   1.00 6.02  ? 7  DM1 A O4    1 
HETATM 126 C C5    . DM1 B 2 . ? 3.185  0.173   5.956   1.00 5.67  ? 7  DM1 A C5    1 
HETATM 127 C C6    . DM1 B 2 . ? 2.757  -1.174  5.938   1.00 5.87  ? 7  DM1 A C6    1 
HETATM 128 O O6    . DM1 B 2 . ? 1.557  -1.509  6.490   1.00 4.78  ? 7  DM1 A O6    1 
HETATM 129 C C7    . DM1 B 2 . ? 3.580  -2.195  5.425   1.00 5.47  ? 7  DM1 A C7    1 
HETATM 130 C C8    . DM1 B 2 . ? 3.166  -3.548  5.446   1.00 5.34  ? 7  DM1 A C8    1 
HETATM 131 O O8    . DM1 B 2 . ? 1.910  -3.927  5.881   1.00 5.08  ? 7  DM1 A O8    1 
HETATM 132 C C9    . DM1 B 2 . ? 4.035  -4.557  4.977   1.00 5.07  ? 7  DM1 A C9    1 
HETATM 133 C C10   . DM1 B 2 . ? 3.484  -5.938  4.932   1.00 5.43  ? 7  DM1 A C10   1 
HETATM 134 O O10   . DM1 B 2 . ? 2.392  -5.819  3.951   1.00 5.05  ? 7  DM1 A O10   1 
HETATM 135 C C11   . DM1 B 2 . ? 4.470  -7.076  4.693   1.00 5.21  ? 7  DM1 A C11   1 
HETATM 136 C C12   . DM1 B 2 . ? 5.397  -6.580  3.418   1.00 5.31  ? 7  DM1 A C12   1 
HETATM 137 O O12   . DM1 B 2 . ? 4.787  -6.167  2.153   1.00 4.27  ? 7  DM1 A O12   1 
HETATM 138 C C13   . DM1 B 2 . ? 6.350  -7.763  3.180   1.00 6.03  ? 7  DM1 A C13   1 
HETATM 139 O O13   . DM1 B 2 . ? 7.511  -7.781  3.823   1.00 6.34  ? 7  DM1 A O13   1 
HETATM 140 C C14   . DM1 B 2 . ? 5.942  -8.869  2.247   1.00 5.46  ? 7  DM1 A C14   1 
HETATM 141 C C15   . DM1 B 2 . ? 6.200  -5.335  3.950   1.00 4.65  ? 7  DM1 A C15   1 
HETATM 142 C C16   . DM1 B 2 . ? 5.274  -4.253  4.475   1.00 5.22  ? 7  DM1 A C16   1 
HETATM 143 C C17   . DM1 B 2 . ? 5.706  -2.901  4.460   1.00 5.32  ? 7  DM1 A C17   1 
HETATM 144 O O17   . DM1 B 2 . ? 6.958  -2.627  4.058   1.00 5.11  ? 7  DM1 A O17   1 
HETATM 145 C C18   . DM1 B 2 . ? 4.860  -1.885  4.954   1.00 5.55  ? 7  DM1 A C18   1 
HETATM 146 C C19   . DM1 B 2 . ? 5.318  -0.545  4.938   1.00 5.93  ? 7  DM1 A C19   1 
HETATM 147 O O19   . DM1 B 2 . ? 6.509  -0.274  4.467   1.00 6.80  ? 7  DM1 A O19   1 
HETATM 148 C C20   . DM1 B 2 . ? 4.454  0.460   5.441   1.00 6.28  ? 7  DM1 A C20   1 
HETATM 149 C C21   . DM1 B 2 . ? 0.237  2.040   7.424   1.00 6.16  ? 7  DM1 A C21   1 
HETATM 150 C "C1'" . DM1 B 2 . ? 1.161  -6.475  4.129   1.00 5.58  ? 7  DM1 A "C1'" 1 
HETATM 151 C "C2'" . DM1 B 2 . ? -0.066 -5.543  3.762   1.00 5.38  ? 7  DM1 A "C2'" 1 
HETATM 152 C "C3'" . DM1 B 2 . ? -0.002 -5.465  2.179   1.00 6.72  ? 7  DM1 A "C3'" 1 
HETATM 153 N "N3'" . DM1 B 2 . ? -1.198 -4.670  1.756   1.00 6.29  ? 7  DM1 A "N3'" 1 
HETATM 154 C "C4'" . DM1 B 2 . ? 0.015  -6.862  1.470   1.00 6.32  ? 7  DM1 A "C4'" 1 
HETATM 155 O "O4'" . DM1 B 2 . ? -1.218 -7.521  1.844   1.00 7.62  ? 7  DM1 A "O4'" 1 
HETATM 156 C "C5'" . DM1 B 2 . ? 1.258  -7.683  1.964   1.00 6.85  ? 7  DM1 A "C5'" 1 
HETATM 157 O "O5'" . DM1 B 2 . ? 1.126  -7.742  3.444   1.00 6.75  ? 7  DM1 A "O5'" 1 
HETATM 158 C "C6'" . DM1 B 2 . ? 1.235  -9.093  1.417   1.00 7.09  ? 7  DM1 A "C6'" 1 
HETATM 159 O O     . HOH C 3 . ? -3.029 5.389   -11.900 1.00 8.20  ? 8  HOH A O     1 
HETATM 160 O O     . HOH C 3 . ? 4.364  9.257   -12.270 1.00 8.60  ? 9  HOH A O     1 
HETATM 161 O O     . HOH C 3 . ? -6.639 3.971   -11.595 1.00 7.69  ? 10 HOH A O     1 
HETATM 162 O O     . HOH C 3 . ? -2.172 -9.187  -0.033  1.00 17.39 ? 11 HOH A O     1 
HETATM 163 O O     . HOH C 3 . ? -3.548 -2.544  -1.364  1.00 16.14 ? 12 HOH A O     1 
HETATM 164 O O     . HOH C 3 . ? -1.354 -11.521 6.979   1.00 34.68 ? 13 HOH A O     1 
HETATM 165 O O     . HOH C 3 . ? -8.524 3.657   2.031   1.00 19.95 ? 14 HOH A O     1 
HETATM 166 O O     . HOH C 3 . ? 4.036  -8.616  7.693   1.00 14.84 ? 15 HOH A O     1 
HETATM 167 O O     . HOH C 3 . ? -3.165 1.793   6.048   1.00 17.02 ? 16 HOH A O     1 
HETATM 168 O O     . HOH C 3 . ? 8.691  1.482   3.128   1.00 20.31 ? 17 HOH A O     1 
HETATM 169 O O     . HOH C 3 . ? -2.079 -1.325  9.580   1.00 14.94 ? 18 HOH A O     1 
HETATM 170 O O     . HOH C 3 . ? 0.587  -0.887  9.015   1.00 10.24 ? 19 HOH A O     1 
HETATM 171 O O     . HOH C 3 . ? 5.438  -0.432  -7.775  1.00 37.04 ? 20 HOH A O     1 
HETATM 172 O O     . HOH C 3 . ? 3.901  2.919   -1.585  1.00 14.76 ? 21 HOH A O     1 
HETATM 173 O O     . HOH C 3 . ? -1.867 -8.960  4.378   1.00 15.20 ? 22 HOH A O     1 
HETATM 174 O O     . HOH C 3 . ? 2.100  -9.958  5.325   1.00 14.30 ? 23 HOH A O     1 
HETATM 175 O O     . HOH C 3 . ? 0.626  6.164   -1.662  1.00 19.99 ? 24 HOH A O     1 
HETATM 176 O O     . HOH C 3 . ? 5.435  5.159   -10.832 1.00 11.24 ? 25 HOH A O     1 
HETATM 177 O O     . HOH C 3 . ? -7.326 3.397   4.387   1.00 19.68 ? 26 HOH A O     1 
HETATM 178 O O     . HOH C 3 . ? -3.946 -5.526  2.278   1.00 14.42 ? 27 HOH A O     1 
HETATM 179 O O     . HOH C 3 . ? -5.195 -6.420  5.013   1.00 38.89 ? 28 HOH A O     1 
HETATM 180 O O     . HOH C 3 . ? -0.162 10.912  -6.458  1.00 32.70 ? 29 HOH A O     1 
HETATM 181 O O     . HOH C 3 . ? -2.941 8.416   -6.927  1.00 27.45 ? 30 HOH A O     1 
HETATM 182 O O     . HOH C 3 . ? -2.424 8.143   -12.561 1.00 24.06 ? 31 HOH A O     1 
HETATM 183 O O     . HOH C 3 . ? 3.417  0.559   9.903   1.00 13.63 ? 32 HOH A O     1 
HETATM 184 O O     . HOH C 3 . ? -5.352 -3.498  10.647  1.00 35.41 ? 33 HOH A O     1 
HETATM 185 O O     . HOH C 3 . ? 0.922  11.398  -12.923 1.00 28.28 ? 34 HOH A O     1 
HETATM 186 O O     . HOH C 3 . ? -3.018 10.019  -2.193  1.00 21.00 ? 35 HOH A O     1 
HETATM 187 O O     . HOH C 3 . ? -6.486 -4.376  6.845   1.00 40.31 ? 36 HOH A O     1 
HETATM 188 O O     . HOH C 3 . ? 3.346  3.534   -4.374  1.00 19.92 ? 37 HOH A O     1 
HETATM 189 O O     . HOH C 3 . ? -2.111 4.532   1.659   1.00 18.71 ? 38 HOH A O     1 
HETATM 190 O O     . HOH C 3 . ? 2.295  4.485   3.051   1.00 13.12 ? 39 HOH A O     1 
HETATM 191 O O     . HOH C 3 . ? 3.930  -11.583 1.056   1.00 7.93  ? 40 HOH A O     1 
HETATM 192 O O     . HOH C 3 . ? -0.579 -12.126 0.963   1.00 19.93 ? 41 HOH A O     1 
HETATM 193 O O     . HOH C 3 . ? 0.920  0.370   11.347  1.00 37.62 ? 42 HOH A O     1 
HETATM 194 O O     . HOH C 3 . ? -9.395 1.276   1.469   1.00 20.86 ? 43 HOH A O     1 
HETATM 195 O O     . HOH C 3 . ? 4.015  -11.386 3.792   1.00 16.44 ? 44 HOH A O     1 
HETATM 196 O O     . HOH C 3 . ? 2.531  -13.812 4.101   1.00 33.06 ? 45 HOH A O     1 
HETATM 197 O O     . HOH C 3 . ? -5.614 8.857   -6.459  1.00 19.48 ? 46 HOH A O     1 
HETATM 198 O O     . HOH C 3 . ? -2.341 3.751   4.320   1.00 32.12 ? 47 HOH A O     1 
HETATM 199 O O     . HOH C 3 . ? -1.569 3.583   9.945   1.00 27.48 ? 48 HOH A O     1 
HETATM 200 O O     . HOH C 3 . ? -4.459 8.352   -10.694 1.00 41.37 ? 49 HOH A O     1 
HETATM 201 O O     . HOH C 3 . ? -2.223 10.712  -8.708  1.00 27.52 ? 50 HOH A O     1 
HETATM 202 O O     . HOH C 3 . ? -6.648 -1.107  8.987   1.00 38.73 ? 51 HOH A O     1 
HETATM 203 O O     . HOH C 3 . ? 2.738  3.456   9.975   1.00 30.10 ? 52 HOH A O     1 
HETATM 204 O O     . HOH C 3 . ? -3.401 1.097   8.561   1.00 19.46 ? 53 HOH A O     1 
HETATM 205 O O     . HOH C 3 . ? -0.611 -11.675 4.600   1.00 39.58 ? 54 HOH A O     1 
HETATM 206 O O     . HOH C 3 . ? -6.727 6.408   -10.464 1.00 33.66 ? 55 HOH A O     1 
HETATM 207 O O     . HOH C 3 . ? 1.360  -15.336 6.867   1.00 29.17 ? 56 HOH A O     1 
HETATM 208 O O     . HOH C 3 . ? -6.685 8.316   -8.887  1.00 31.71 ? 57 HOH A O     1 
HETATM 209 O O     . HOH C 3 . ? -0.052 13.642  -12.452 1.00 66.66 ? 58 HOH A O     1 
HETATM 210 O O     . HOH C 3 . ? -0.765 11.890  -0.249  1.00 25.13 ? 59 HOH A O     1 
HETATM 211 O O     . HOH C 3 . ? -1.417 8.792   0.036   1.00 45.82 ? 60 HOH A O     1 
HETATM 212 O O     . HOH C 3 . ? 2.733  -11.464 8.728   1.00 32.65 ? 61 HOH A O     1 
# 
